data_6SXU
#
_entry.id   6SXU
#
_cell.length_a   178.470
_cell.length_b   178.470
_cell.length_c   100.411
_cell.angle_alpha   90.000
_cell.angle_beta   90.000
_cell.angle_gamma   120.000
#
_symmetry.space_group_name_H-M   'H 3'
#
loop_
_entity.id
_entity.type
_entity.pdbx_description
1 polymer 'Intracellular exo-alpha-(1->5)-L-arabinofuranosidase'
2 non-polymer '[(1~{S},2~{S},3~{S},4~{S})-2-(hydroxymethyl)-3,4-bis(oxidanyl)cyclopentyl] hydrogen sulfate'
3 non-polymer DI(HYDROXYETHYL)ETHER
4 non-polymer GLYCEROL
5 non-polymer 'ISOPROPYL ALCOHOL'
6 water water
#
_entity_poly.entity_id   1
_entity_poly.type   'polypeptide(L)'
_entity_poly.pdbx_seq_one_letter_code
;MATKKATMIIEKDFKIAEIDKRIYGSFIEHLGRAVYGGIYEPGHPQADENGFRQDVIELVKELQVPIIRYPGGNFVSGYN
WEDGVGPKEQRPRRLDLAWKSVETNEIGLNEFMDWAKMVGAEVNMAVNLGTRGIDAARNLVEYCNHPSGSYYSDLRIAHG
YKEPHKIKTWCLGNEMDGPWQIGHKTAVEYGRIACEAAKVMKWVDPTIELVVCGSSNRNMPTFAEWEATVLDHTYDHVDY
ISLHQYYGNRDNDTANYLALSLEMDDFIRSVVAIADYVKAKKRSKKTIHLSFDEWNVWYHSNEADKLIEPWTVAPPLLED
IYNFEDALLVGCMLITLMKHADRVKIACLAQLVNVIAPIMTEKNGPAWKQTIYYPFMHASVYGRGVALHPVISSPKYDSK
DFTDVPYLESIAVYNEEKEEVTIFAVNRDMEDALLLECDVRSFEDYRVIEHIVLEHDNVKQTNSAQSSPVVPHRNGDAQL
SDRKVSATLPKLSWNVIRLGKR
;
_entity_poly.pdbx_strand_id   AAA,BBB
#
loop_
_chem_comp.id
_chem_comp.type
_chem_comp.name
_chem_comp.formula
GOL non-polymer GLYCEROL 'C3 H8 O3'
IPA non-polymer 'ISOPROPYL ALCOHOL' 'C3 H8 O'
LX5 non-polymer '[(1~{S},2~{S},3~{S},4~{S})-2-(hydroxymethyl)-3,4-bis(oxidanyl)cyclopentyl] hydrogen sulfate' 'C6 H12 O7 S'
PEG non-polymer DI(HYDROXYETHYL)ETHER 'C4 H10 O3'
#
# COMPACT_ATOMS: atom_id res chain seq x y z
N THR A 3 7.06 29.95 -21.15
CA THR A 3 6.14 29.31 -20.13
C THR A 3 5.72 27.89 -20.56
N LYS A 4 5.29 27.08 -19.59
CA LYS A 4 4.63 25.76 -19.81
C LYS A 4 3.27 25.76 -19.07
N LYS A 5 2.40 24.83 -19.39
CA LYS A 5 1.05 24.73 -18.77
C LYS A 5 0.91 23.46 -17.90
N ALA A 6 0.23 23.54 -16.76
CA ALA A 6 -0.12 22.37 -15.91
C ALA A 6 -1.55 22.52 -15.42
N THR A 7 -2.22 21.39 -15.16
CA THR A 7 -3.62 21.41 -14.68
C THR A 7 -3.70 20.60 -13.42
N MET A 8 -4.64 20.96 -12.54
CA MET A 8 -4.83 20.23 -11.30
C MET A 8 -6.31 20.27 -10.99
N ILE A 9 -6.91 19.14 -10.61
CA ILE A 9 -8.32 19.14 -10.13
C ILE A 9 -8.29 19.21 -8.60
N ILE A 10 -9.07 20.14 -8.04
CA ILE A 10 -9.18 20.34 -6.59
C ILE A 10 -10.58 19.88 -6.21
N GLU A 11 -10.73 18.55 -5.97
CA GLU A 11 -12.05 17.96 -5.70
C GLU A 11 -12.22 17.68 -4.20
N LYS A 12 -13.12 18.39 -3.61
CA LYS A 12 -13.51 18.32 -2.18
C LYS A 12 -13.72 16.87 -1.76
N ASP A 13 -14.33 16.06 -2.61
CA ASP A 13 -14.76 14.71 -2.20
C ASP A 13 -13.72 13.63 -2.54
N PHE A 14 -12.55 13.98 -3.08
CA PHE A 14 -11.43 13.06 -3.37
CA PHE A 14 -11.46 13.02 -3.31
C PHE A 14 -10.37 13.36 -2.30
N LYS A 15 -10.47 12.69 -1.16
CA LYS A 15 -9.69 13.00 0.05
C LYS A 15 -8.59 11.96 0.27
N ILE A 16 -7.47 12.39 0.81
CA ILE A 16 -6.46 11.48 1.41
C ILE A 16 -6.81 11.17 2.86
N ALA A 17 -6.74 12.19 3.72
CA ALA A 17 -7.01 12.05 5.15
C ALA A 17 -6.91 13.43 5.81
N GLU A 18 -7.49 13.53 7.00
CA GLU A 18 -7.20 14.67 7.89
C GLU A 18 -5.68 14.67 8.15
N ILE A 19 -5.05 15.82 8.08
CA ILE A 19 -3.64 15.98 8.48
C ILE A 19 -3.54 16.01 10.01
N ASP A 20 -2.71 15.13 10.53
CA ASP A 20 -2.34 15.21 11.96
C ASP A 20 -1.38 16.40 12.10
N LYS A 21 -1.67 17.38 12.93
CA LYS A 21 -0.81 18.57 13.07
C LYS A 21 0.59 18.19 13.50
N ARG A 22 0.78 17.00 14.05
CA ARG A 22 2.11 16.57 14.51
C ARG A 22 3.04 16.28 13.33
N ILE A 23 2.58 16.35 12.07
CA ILE A 23 3.50 16.31 10.94
C ILE A 23 4.31 17.60 10.87
N TYR A 24 3.96 18.64 11.64
CA TYR A 24 4.70 19.92 11.68
C TYR A 24 5.55 19.94 12.97
N GLY A 25 5.93 18.78 13.47
CA GLY A 25 6.81 18.70 14.63
C GLY A 25 8.26 19.05 14.33
N SER A 26 9.05 19.07 15.39
CA SER A 26 10.53 19.26 15.30
C SER A 26 11.22 18.51 16.45
N PHE A 27 12.45 18.90 16.74
CA PHE A 27 13.40 18.05 17.46
C PHE A 27 14.48 18.93 18.03
N ILE A 28 14.72 18.77 19.33
CA ILE A 28 15.86 19.38 20.04
C ILE A 28 16.64 18.25 20.70
N GLU A 29 17.90 18.10 20.29
CA GLU A 29 18.84 17.19 20.93
C GLU A 29 19.86 17.97 21.75
N HIS A 30 20.43 17.32 22.76
CA HIS A 30 21.69 17.78 23.40
C HIS A 30 22.84 17.56 22.43
N LEU A 31 22.92 18.47 21.49
CA LEU A 31 23.85 18.42 20.36
C LEU A 31 24.27 19.85 20.05
N GLY A 32 25.56 20.11 20.01
CA GLY A 32 26.07 21.41 19.57
C GLY A 32 25.43 22.54 20.38
N ARG A 33 24.89 23.56 19.71
CA ARG A 33 24.30 24.75 20.36
CA ARG A 33 24.30 24.75 20.36
C ARG A 33 22.77 24.69 20.29
N ALA A 34 22.18 23.53 20.14
CA ALA A 34 20.69 23.50 20.07
C ALA A 34 20.12 23.91 21.46
N VAL A 35 20.66 23.35 22.54
CA VAL A 35 20.22 23.69 23.91
C VAL A 35 21.06 24.88 24.37
N TYR A 36 22.36 24.68 24.56
CA TYR A 36 23.24 25.67 25.18
C TYR A 36 23.64 26.71 24.14
N GLY A 37 23.08 27.93 24.22
CA GLY A 37 23.27 28.94 23.16
C GLY A 37 22.16 28.97 22.15
N GLY A 38 21.20 28.07 22.26
CA GLY A 38 20.07 27.95 21.35
C GLY A 38 18.83 28.33 22.12
N ILE A 39 18.17 27.35 22.76
CA ILE A 39 16.96 27.67 23.59
C ILE A 39 17.38 28.41 24.87
N TYR A 40 18.56 28.09 25.42
CA TYR A 40 18.96 28.48 26.79
C TYR A 40 20.30 29.24 26.73
N GLU A 41 20.30 30.46 27.20
CA GLU A 41 21.49 31.32 27.21
C GLU A 41 21.33 32.36 28.33
N PRO A 42 21.63 31.96 29.57
CA PRO A 42 21.45 32.84 30.71
C PRO A 42 22.09 34.21 30.50
N GLY A 43 23.28 34.32 29.89
CA GLY A 43 23.77 35.75 29.84
C GLY A 43 22.94 36.75 28.98
N HIS A 44 22.01 36.25 28.15
CA HIS A 44 21.62 36.97 26.92
C HIS A 44 20.68 38.14 27.26
N PRO A 45 20.69 39.24 26.51
CA PRO A 45 19.81 40.37 26.84
C PRO A 45 18.31 40.01 26.79
N GLN A 46 17.95 39.01 26.01
CA GLN A 46 16.54 38.57 25.79
C GLN A 46 16.27 37.31 26.63
N ALA A 47 17.14 36.90 27.54
CA ALA A 47 16.87 35.72 28.39
C ALA A 47 15.75 36.08 29.37
N ASP A 48 14.90 35.11 29.64
CA ASP A 48 13.83 35.25 30.66
C ASP A 48 14.41 34.85 32.04
N GLU A 49 13.56 34.88 33.06
CA GLU A 49 13.86 34.58 34.47
C GLU A 49 14.53 33.20 34.56
N ASN A 50 14.23 32.28 33.65
CA ASN A 50 14.76 30.90 33.67
C ASN A 50 15.93 30.70 32.68
N GLY A 51 16.41 31.76 32.03
CA GLY A 51 17.56 31.70 31.13
C GLY A 51 17.19 31.37 29.70
N PHE A 52 15.90 31.30 29.39
CA PHE A 52 15.51 30.95 28.02
C PHE A 52 15.47 32.21 27.16
N ARG A 53 15.97 32.08 25.95
CA ARG A 53 15.97 33.19 25.00
C ARG A 53 14.55 33.46 24.49
N GLN A 54 14.04 34.66 24.74
CA GLN A 54 12.68 35.06 24.34
C GLN A 54 12.63 35.17 22.82
N ASP A 55 13.71 35.59 22.17
CA ASP A 55 13.67 35.73 20.68
C ASP A 55 13.46 34.37 20.02
N VAL A 56 14.15 33.35 20.51
CA VAL A 56 13.95 31.98 20.01
C VAL A 56 12.52 31.52 20.31
N ILE A 57 12.02 31.77 21.52
CA ILE A 57 10.64 31.39 21.88
C ILE A 57 9.69 31.98 20.83
N GLU A 58 9.78 33.28 20.52
CA GLU A 58 8.85 33.88 19.54
C GLU A 58 9.02 33.26 18.16
N LEU A 59 10.23 32.93 17.75
CA LEU A 59 10.41 32.31 16.39
C LEU A 59 9.83 30.89 16.33
N VAL A 60 9.90 30.12 17.42
CA VAL A 60 9.30 28.79 17.45
C VAL A 60 7.77 28.95 17.46
N LYS A 61 7.24 29.87 18.28
CA LYS A 61 5.78 30.06 18.35
C LYS A 61 5.23 30.39 16.96
N GLU A 62 5.93 31.18 16.18
CA GLU A 62 5.46 31.58 14.85
C GLU A 62 5.39 30.36 13.92
N LEU A 63 6.23 29.36 14.12
CA LEU A 63 6.16 28.13 13.30
C LEU A 63 5.00 27.25 13.75
N GLN A 64 4.43 27.46 14.92
CA GLN A 64 3.31 26.66 15.42
C GLN A 64 3.68 25.17 15.52
N VAL A 65 4.86 24.88 16.00
CA VAL A 65 5.35 23.50 16.15
C VAL A 65 4.56 22.81 17.24
N PRO A 66 3.83 21.71 16.96
CA PRO A 66 3.00 21.14 18.02
C PRO A 66 3.69 20.17 18.97
N ILE A 67 4.79 19.56 18.53
CA ILE A 67 5.47 18.47 19.24
C ILE A 67 6.94 18.55 18.90
N ILE A 68 7.75 18.34 19.95
CA ILE A 68 9.23 18.40 19.86
C ILE A 68 9.82 17.15 20.47
N ARG A 69 10.58 16.38 19.67
CA ARG A 69 11.30 15.21 20.13
C ARG A 69 12.52 15.66 20.94
N TYR A 70 12.83 14.93 22.01
CA TYR A 70 13.86 15.31 22.97
C TYR A 70 14.16 14.10 23.85
N PRO A 71 15.37 13.89 24.39
CA PRO A 71 16.60 14.69 24.25
C PRO A 71 17.55 14.19 23.14
N GLY A 72 17.10 13.18 22.39
CA GLY A 72 17.86 12.66 21.24
C GLY A 72 17.08 11.53 20.61
N GLY A 73 17.60 11.05 19.48
CA GLY A 73 18.89 11.36 18.92
C GLY A 73 19.98 10.47 19.48
N ASN A 74 21.11 10.48 18.81
CA ASN A 74 22.29 9.69 19.15
C ASN A 74 22.69 9.90 20.61
N PHE A 75 22.49 11.12 21.10
CA PHE A 75 22.81 11.43 22.51
C PHE A 75 22.09 10.51 23.49
N VAL A 76 20.81 10.21 23.22
CA VAL A 76 20.02 9.55 24.28
C VAL A 76 20.56 8.14 24.58
N SER A 77 21.23 7.51 23.61
CA SER A 77 21.66 6.12 23.77
C SER A 77 22.77 5.91 24.80
N GLY A 78 23.41 7.02 25.23
CA GLY A 78 24.38 6.97 26.29
C GLY A 78 24.02 7.79 27.52
N TYR A 79 22.80 8.31 27.58
CA TYR A 79 22.37 9.31 28.58
C TYR A 79 21.69 8.67 29.77
N ASN A 80 22.00 9.19 30.97
CA ASN A 80 21.25 8.79 32.20
C ASN A 80 20.28 9.91 32.59
N TRP A 81 19.00 9.69 32.52
CA TRP A 81 18.02 10.78 32.77
C TRP A 81 18.17 11.34 34.19
N GLU A 82 18.61 10.55 35.17
CA GLU A 82 18.77 11.05 36.56
C GLU A 82 19.87 12.12 36.63
N ASP A 83 20.82 12.10 35.71
CA ASP A 83 21.94 13.05 35.71
C ASP A 83 21.46 14.48 35.45
N GLY A 84 20.27 14.64 34.89
CA GLY A 84 19.72 15.93 34.50
C GLY A 84 18.58 16.43 35.37
N VAL A 85 18.28 15.77 36.47
CA VAL A 85 17.21 16.26 37.35
C VAL A 85 17.77 16.52 38.76
N GLY A 86 17.05 17.31 39.53
CA GLY A 86 17.39 17.63 40.90
C GLY A 86 18.42 18.74 40.96
N PRO A 87 18.89 19.01 42.18
CA PRO A 87 19.79 20.15 42.38
C PRO A 87 20.98 20.15 41.44
N LYS A 88 21.29 21.34 40.94
CA LYS A 88 22.39 21.46 39.94
C LYS A 88 23.71 20.94 40.54
N GLU A 89 24.02 21.17 41.83
CA GLU A 89 25.34 20.81 42.42
C GLU A 89 25.57 19.28 42.34
N GLN A 90 24.51 18.46 42.31
CA GLN A 90 24.60 16.99 42.29
C GLN A 90 24.64 16.48 40.84
N ARG A 91 24.47 17.34 39.83
CA ARG A 91 24.39 16.85 38.43
C ARG A 91 25.83 16.69 37.91
N PRO A 92 26.19 15.49 37.47
CA PRO A 92 27.55 15.23 37.02
C PRO A 92 27.87 15.75 35.62
N ARG A 93 29.12 16.09 35.40
CA ARG A 93 29.57 16.35 34.02
C ARG A 93 29.88 15.01 33.36
N ARG A 94 29.37 14.82 32.14
CA ARG A 94 29.52 13.56 31.45
C ARG A 94 30.26 13.77 30.11
N LEU A 95 30.89 12.68 29.70
CA LEU A 95 31.39 12.58 28.31
C LEU A 95 30.23 12.06 27.45
N ASP A 96 29.72 12.90 26.55
CA ASP A 96 28.71 12.45 25.56
C ASP A 96 29.50 11.81 24.41
N LEU A 97 29.41 10.48 24.32
CA LEU A 97 30.16 9.78 23.25
C LEU A 97 29.53 9.95 21.86
N ALA A 98 28.29 10.36 21.77
CA ALA A 98 27.60 10.55 20.48
C ALA A 98 28.27 11.69 19.71
N TRP A 99 28.46 12.81 20.40
CA TRP A 99 28.94 14.03 19.72
C TRP A 99 30.32 14.45 20.26
N LYS A 100 30.98 13.57 21.03
CA LYS A 100 32.33 13.80 21.57
C LYS A 100 32.40 15.16 22.27
N SER A 101 31.44 15.42 23.13
CA SER A 101 31.28 16.72 23.83
C SER A 101 31.22 16.44 25.33
N VAL A 102 31.55 17.44 26.13
CA VAL A 102 31.23 17.39 27.57
C VAL A 102 29.82 17.93 27.78
N GLU A 103 28.94 17.14 28.38
CA GLU A 103 27.55 17.53 28.73
C GLU A 103 27.51 17.88 30.21
N THR A 104 27.19 19.13 30.53
CA THR A 104 27.13 19.59 31.93
C THR A 104 25.84 19.21 32.62
N ASN A 105 24.80 18.86 31.88
CA ASN A 105 23.48 18.55 32.43
C ASN A 105 22.87 19.76 33.15
N GLU A 106 23.35 20.96 32.86
CA GLU A 106 22.70 22.17 33.39
C GLU A 106 21.24 22.30 32.96
N ILE A 107 20.93 21.81 31.76
CA ILE A 107 19.54 21.56 31.33
C ILE A 107 19.29 20.06 31.36
N GLY A 108 18.24 19.66 32.03
CA GLY A 108 17.68 18.32 31.94
C GLY A 108 16.19 18.34 31.75
N LEU A 109 15.54 17.19 31.96
CA LEU A 109 14.21 17.04 31.34
C LEU A 109 13.21 18.06 31.93
N ASN A 110 13.29 18.38 33.22
CA ASN A 110 12.26 19.26 33.80
C ASN A 110 12.41 20.68 33.23
N GLU A 111 13.66 21.14 33.04
CA GLU A 111 13.84 22.48 32.43
C GLU A 111 13.38 22.46 30.96
N PHE A 112 13.63 21.35 30.27
CA PHE A 112 13.15 21.30 28.88
C PHE A 112 11.61 21.37 28.88
N MET A 113 10.94 20.67 29.77
CA MET A 113 9.48 20.75 29.83
C MET A 113 9.03 22.21 30.08
N ASP A 114 9.75 22.91 30.95
CA ASP A 114 9.41 24.33 31.17
C ASP A 114 9.50 25.14 29.85
N TRP A 115 10.54 24.89 29.05
CA TRP A 115 10.75 25.60 27.77
C TRP A 115 9.62 25.21 26.81
N ALA A 116 9.31 23.92 26.73
CA ALA A 116 8.29 23.42 25.81
C ALA A 116 6.95 24.11 26.11
N LYS A 117 6.66 24.33 27.38
CA LYS A 117 5.40 24.99 27.77
C LYS A 117 5.36 26.43 27.26
N MET A 118 6.50 27.11 27.25
CA MET A 118 6.53 28.50 26.74
CA MET A 118 6.61 28.50 26.74
C MET A 118 6.33 28.56 25.23
N VAL A 119 6.71 27.54 24.47
CA VAL A 119 6.48 27.57 23.01
C VAL A 119 5.19 26.84 22.61
N GLY A 120 4.44 26.29 23.56
CA GLY A 120 3.15 25.63 23.28
C GLY A 120 3.30 24.26 22.64
N ALA A 121 4.41 23.56 22.83
CA ALA A 121 4.63 22.26 22.19
C ALA A 121 4.53 21.18 23.27
N GLU A 122 3.97 20.04 22.90
CA GLU A 122 4.16 18.83 23.69
C GLU A 122 5.55 18.25 23.36
N VAL A 123 6.00 17.34 24.18
CA VAL A 123 7.34 16.70 24.05
C VAL A 123 7.17 15.24 23.72
N ASN A 124 7.92 14.84 22.70
CA ASN A 124 8.02 13.41 22.31
C ASN A 124 9.31 12.92 23.00
N MET A 125 9.18 12.37 24.20
CA MET A 125 10.33 12.05 25.06
C MET A 125 10.94 10.70 24.65
N ALA A 126 12.24 10.65 24.52
CA ALA A 126 12.94 9.38 24.23
C ALA A 126 13.56 8.77 25.48
N VAL A 127 13.51 7.45 25.57
CA VAL A 127 14.20 6.64 26.59
C VAL A 127 15.48 6.05 25.98
N ASN A 128 16.51 5.92 26.79
CA ASN A 128 17.79 5.26 26.43
C ASN A 128 17.59 3.76 26.37
N LEU A 129 17.73 3.16 25.16
CA LEU A 129 17.80 1.67 25.03
C LEU A 129 19.17 1.25 24.45
N GLY A 130 20.22 2.05 24.63
CA GLY A 130 21.60 1.76 24.24
C GLY A 130 22.37 1.17 25.43
N THR A 131 22.70 2.01 26.39
CA THR A 131 23.34 1.58 27.62
C THR A 131 22.37 1.20 28.73
N ARG A 132 21.07 1.49 28.56
CA ARG A 132 20.04 1.17 29.56
C ARG A 132 18.90 0.37 28.97
N GLY A 133 17.90 0.05 29.81
CA GLY A 133 16.88 -0.87 29.39
C GLY A 133 15.56 -0.64 30.10
N ILE A 134 14.93 -1.75 30.41
CA ILE A 134 13.49 -1.68 30.78
C ILE A 134 13.28 -1.04 32.16
N ASP A 135 14.21 -1.22 33.11
CA ASP A 135 13.97 -0.63 34.46
C ASP A 135 14.01 0.89 34.31
N ALA A 136 15.01 1.41 33.62
CA ALA A 136 15.13 2.88 33.50
C ALA A 136 13.92 3.41 32.74
N ALA A 137 13.37 2.68 31.77
CA ALA A 137 12.22 3.13 30.97
C ALA A 137 10.98 3.24 31.86
N ARG A 138 10.69 2.24 32.66
CA ARG A 138 9.49 2.35 33.52
C ARG A 138 9.73 3.47 34.54
N ASN A 139 10.95 3.62 35.07
CA ASN A 139 11.17 4.62 36.14
C ASN A 139 10.97 6.02 35.55
N LEU A 140 11.46 6.26 34.34
CA LEU A 140 11.32 7.60 33.74
C LEU A 140 9.83 7.89 33.49
N VAL A 141 9.05 6.94 32.96
CA VAL A 141 7.62 7.19 32.78
C VAL A 141 6.98 7.48 34.14
N GLU A 142 7.32 6.73 35.16
CA GLU A 142 6.72 6.97 36.49
C GLU A 142 7.10 8.38 36.96
N TYR A 143 8.38 8.73 36.86
CA TYR A 143 8.86 10.06 37.28
C TYR A 143 8.04 11.13 36.58
N CYS A 144 7.85 10.99 35.28
CA CYS A 144 7.22 12.06 34.51
C CYS A 144 5.69 12.08 34.67
N ASN A 145 5.05 10.91 34.73
CA ASN A 145 3.60 10.82 34.47
C ASN A 145 2.81 10.34 35.71
N HIS A 146 3.43 9.64 36.67
CA HIS A 146 2.62 9.15 37.80
C HIS A 146 2.38 10.31 38.75
N PRO A 147 1.16 10.50 39.27
CA PRO A 147 0.91 11.74 40.01
C PRO A 147 1.73 11.89 41.29
N SER A 148 1.69 10.90 42.17
CA SER A 148 2.29 10.96 43.50
C SER A 148 2.21 9.60 44.18
N GLY A 149 2.84 9.49 45.33
CA GLY A 149 2.69 8.31 46.22
C GLY A 149 3.56 7.12 45.88
N SER A 150 4.57 7.34 45.05
CA SER A 150 5.61 6.34 44.76
C SER A 150 6.96 7.09 44.81
N TYR A 151 8.04 6.36 44.96
CA TYR A 151 9.37 6.97 45.08
C TYR A 151 9.61 7.95 43.91
N TYR A 152 9.47 7.51 42.67
CA TYR A 152 9.89 8.39 41.54
C TYR A 152 8.87 9.53 41.33
N SER A 153 7.57 9.32 41.56
CA SER A 153 6.62 10.45 41.42
C SER A 153 6.90 11.49 42.50
N ASP A 154 7.09 11.04 43.72
CA ASP A 154 7.36 11.97 44.83
C ASP A 154 8.70 12.66 44.56
N LEU A 155 9.64 12.02 43.91
CA LEU A 155 10.93 12.65 43.64
C LEU A 155 10.75 13.81 42.66
N ARG A 156 9.93 13.61 41.63
CA ARG A 156 9.61 14.73 40.70
C ARG A 156 9.00 15.90 41.48
N ILE A 157 8.10 15.61 42.40
CA ILE A 157 7.46 16.65 43.23
C ILE A 157 8.56 17.36 44.05
N ALA A 158 9.48 16.62 44.66
CA ALA A 158 10.58 17.20 45.47
C ALA A 158 11.51 18.03 44.62
N HIS A 159 11.64 17.68 43.34
CA HIS A 159 12.46 18.47 42.39
C HIS A 159 11.76 19.75 41.88
N GLY A 160 10.54 20.02 42.35
CA GLY A 160 9.82 21.28 42.11
C GLY A 160 8.67 21.23 41.11
N TYR A 161 8.25 20.01 40.69
CA TYR A 161 7.27 19.81 39.60
C TYR A 161 6.11 19.00 40.18
N LYS A 162 5.20 19.71 40.85
CA LYS A 162 4.13 19.04 41.60
C LYS A 162 3.25 18.26 40.61
N GLU A 163 2.79 18.91 39.56
CA GLU A 163 1.89 18.25 38.59
C GLU A 163 2.75 17.40 37.67
N PRO A 164 2.30 16.17 37.35
CA PRO A 164 3.05 15.35 36.39
C PRO A 164 3.10 16.02 35.01
N HIS A 165 4.16 15.76 34.28
CA HIS A 165 4.32 16.25 32.90
C HIS A 165 3.27 15.65 31.97
N LYS A 166 2.83 14.41 32.18
CA LYS A 166 1.72 13.82 31.37
C LYS A 166 2.19 13.77 29.92
N ILE A 167 3.35 13.19 29.68
CA ILE A 167 3.91 13.06 28.29
C ILE A 167 3.16 11.93 27.59
N LYS A 168 2.59 12.23 26.41
CA LYS A 168 1.76 11.30 25.66
C LYS A 168 2.61 10.34 24.82
N THR A 169 3.57 10.83 24.07
CA THR A 169 4.22 10.06 22.98
C THR A 169 5.70 9.90 23.28
N TRP A 170 6.13 8.65 23.34
CA TRP A 170 7.53 8.33 23.73
C TRP A 170 8.25 7.57 22.63
N CYS A 171 9.54 7.79 22.48
CA CYS A 171 10.38 7.04 21.55
C CYS A 171 11.10 5.96 22.31
N LEU A 172 11.06 4.73 21.80
CA LEU A 172 11.78 3.59 22.35
C LEU A 172 13.23 3.58 21.86
N GLY A 173 14.09 4.33 22.51
CA GLY A 173 15.47 4.46 22.06
C GLY A 173 15.56 5.45 20.93
N ASN A 174 16.71 5.37 20.30
CA ASN A 174 17.09 6.08 19.08
C ASN A 174 17.56 5.01 18.14
N GLU A 175 17.49 5.26 16.85
CA GLU A 175 18.02 4.39 15.78
C GLU A 175 19.23 3.65 16.32
N MET A 176 19.05 2.36 16.44
CA MET A 176 20.05 1.50 17.13
CA MET A 176 19.90 1.37 17.16
C MET A 176 20.72 0.60 16.07
N ASP A 177 20.36 0.71 14.79
CA ASP A 177 20.84 -0.20 13.72
C ASP A 177 22.22 0.15 13.22
N GLY A 178 22.70 1.34 13.55
CA GLY A 178 23.95 1.82 12.99
C GLY A 178 25.17 1.42 13.85
N PRO A 179 26.25 0.97 13.19
CA PRO A 179 27.51 0.62 13.87
C PRO A 179 28.16 1.81 14.60
N TRP A 180 27.75 3.05 14.30
CA TRP A 180 28.26 4.26 14.97
C TRP A 180 27.41 4.63 16.21
N GLN A 181 26.37 3.89 16.51
CA GLN A 181 25.43 4.13 17.64
CA GLN A 181 25.49 4.21 17.62
C GLN A 181 26.01 3.56 18.92
N ILE A 182 25.81 4.28 20.02
CA ILE A 182 26.12 3.77 21.35
C ILE A 182 25.14 2.62 21.66
N GLY A 183 25.67 1.47 22.02
CA GLY A 183 24.77 0.35 22.33
C GLY A 183 23.96 -0.08 21.13
N HIS A 184 24.59 -0.12 19.97
CA HIS A 184 23.96 -0.71 18.77
C HIS A 184 23.36 -2.07 19.11
N LYS A 185 22.21 -2.32 18.54
CA LYS A 185 21.48 -3.60 18.66
C LYS A 185 21.12 -4.09 17.26
N THR A 186 21.12 -5.42 17.09
CA THR A 186 20.52 -6.00 15.89
C THR A 186 19.02 -5.82 15.95
N ALA A 187 18.35 -6.10 14.85
CA ALA A 187 16.90 -5.91 14.81
C ALA A 187 16.25 -6.81 15.86
N VAL A 188 16.72 -8.04 16.03
CA VAL A 188 16.16 -8.94 17.04
C VAL A 188 16.44 -8.40 18.45
N GLU A 189 17.67 -8.02 18.73
CA GLU A 189 18.01 -7.50 20.08
C GLU A 189 17.17 -6.25 20.37
N TYR A 190 17.09 -5.33 19.41
CA TYR A 190 16.28 -4.11 19.61
C TYR A 190 14.81 -4.46 19.71
N GLY A 191 14.29 -5.27 18.80
CA GLY A 191 12.88 -5.59 18.90
C GLY A 191 12.50 -6.18 20.27
N ARG A 192 13.37 -7.04 20.80
CA ARG A 192 13.11 -7.67 22.10
C ARG A 192 13.11 -6.60 23.21
N ILE A 193 14.15 -5.77 23.27
CA ILE A 193 14.21 -4.82 24.42
C ILE A 193 13.13 -3.78 24.27
N ALA A 194 12.82 -3.35 23.05
CA ALA A 194 11.74 -2.38 22.80
C ALA A 194 10.41 -2.98 23.22
N CYS A 195 10.17 -4.24 22.94
CA CYS A 195 8.94 -4.91 23.34
C CYS A 195 8.81 -4.86 24.87
N GLU A 196 9.85 -5.30 25.54
CA GLU A 196 9.77 -5.39 27.01
C GLU A 196 9.72 -3.99 27.64
N ALA A 197 10.40 -2.99 27.09
CA ALA A 197 10.34 -1.60 27.57
C ALA A 197 8.92 -1.06 27.35
N ALA A 198 8.37 -1.28 26.17
CA ALA A 198 7.05 -0.78 25.83
C ALA A 198 6.03 -1.28 26.84
N LYS A 199 6.10 -2.56 27.17
CA LYS A 199 5.11 -3.13 28.11
C LYS A 199 5.20 -2.42 29.46
N VAL A 200 6.38 -2.32 30.05
CA VAL A 200 6.47 -1.72 31.42
C VAL A 200 6.07 -0.25 31.37
N MET A 201 6.43 0.45 30.31
CA MET A 201 6.02 1.89 30.16
C MET A 201 4.50 2.00 30.19
N LYS A 202 3.85 1.17 29.37
CA LYS A 202 2.36 1.23 29.30
C LYS A 202 1.71 0.70 30.58
N TRP A 203 2.36 -0.20 31.33
CA TRP A 203 1.78 -0.62 32.61
C TRP A 203 1.87 0.54 33.63
N VAL A 204 2.92 1.35 33.56
CA VAL A 204 2.94 2.57 34.42
C VAL A 204 1.81 3.50 34.00
N ASP A 205 1.69 3.77 32.69
CA ASP A 205 0.72 4.76 32.16
C ASP A 205 0.12 4.27 30.85
N PRO A 206 -1.06 3.63 30.88
CA PRO A 206 -1.63 3.10 29.68
C PRO A 206 -2.08 4.12 28.64
N THR A 207 -2.11 5.41 29.03
CA THR A 207 -2.48 6.50 28.11
C THR A 207 -1.41 6.79 27.09
N ILE A 208 -0.18 6.32 27.29
CA ILE A 208 0.89 6.73 26.39
C ILE A 208 0.79 6.00 25.06
N GLU A 209 1.52 6.55 24.09
CA GLU A 209 1.76 5.85 22.81
CA GLU A 209 1.77 6.01 22.73
C GLU A 209 3.26 5.81 22.57
N LEU A 210 3.65 4.84 21.74
CA LEU A 210 5.08 4.49 21.58
C LEU A 210 5.48 4.49 20.14
N VAL A 211 6.64 5.04 19.89
CA VAL A 211 7.32 5.01 18.57
C VAL A 211 8.48 4.03 18.64
N VAL A 212 8.46 3.03 17.78
CA VAL A 212 9.61 2.12 17.64
C VAL A 212 10.49 2.61 16.52
N CYS A 213 11.79 2.49 16.69
CA CYS A 213 12.73 3.13 15.76
CA CYS A 213 12.73 3.16 15.76
C CYS A 213 12.99 2.32 14.49
N GLY A 214 12.82 2.98 13.35
CA GLY A 214 13.23 2.40 12.07
C GLY A 214 14.71 2.58 11.79
N SER A 215 15.10 2.24 10.55
CA SER A 215 16.49 2.26 10.11
C SER A 215 17.07 3.68 10.20
N SER A 216 18.37 3.80 10.37
CA SER A 216 19.00 5.15 10.38
CA SER A 216 19.06 5.12 10.36
C SER A 216 18.82 5.82 9.02
N ASN A 217 18.85 5.05 7.91
CA ASN A 217 18.60 5.60 6.58
C ASN A 217 18.23 4.48 5.64
N ARG A 218 17.71 4.88 4.49
CA ARG A 218 17.23 3.89 3.51
C ARG A 218 18.38 3.16 2.83
N ASN A 219 19.61 3.58 2.99
CA ASN A 219 20.77 2.94 2.34
C ASN A 219 21.40 1.90 3.28
N MET A 220 20.90 1.72 4.49
CA MET A 220 21.48 0.74 5.38
C MET A 220 21.39 -0.64 4.79
N PRO A 221 22.39 -1.50 5.04
CA PRO A 221 22.33 -2.88 4.53
C PRO A 221 21.12 -3.66 5.05
N THR A 222 20.64 -3.30 6.25
CA THR A 222 19.51 -3.90 6.97
C THR A 222 18.22 -3.14 6.71
N PHE A 223 18.17 -2.19 5.83
CA PHE A 223 16.93 -1.46 5.55
C PHE A 223 15.83 -2.43 5.13
N ALA A 224 14.63 -2.22 5.68
CA ALA A 224 13.35 -2.91 5.39
C ALA A 224 13.31 -4.22 6.20
N GLU A 225 14.36 -5.06 6.10
CA GLU A 225 14.51 -6.21 7.02
C GLU A 225 14.37 -5.74 8.48
N TRP A 226 15.07 -4.66 8.81
CA TRP A 226 15.06 -4.11 10.19
C TRP A 226 13.63 -3.86 10.63
N GLU A 227 12.90 -3.06 9.86
CA GLU A 227 11.54 -2.64 10.22
C GLU A 227 10.65 -3.86 10.39
N ALA A 228 10.76 -4.81 9.47
CA ALA A 228 9.88 -6.00 9.51
C ALA A 228 10.14 -6.80 10.80
N THR A 229 11.41 -6.99 11.15
CA THR A 229 11.79 -7.74 12.36
C THR A 229 11.37 -6.96 13.60
N VAL A 230 11.70 -5.68 13.63
CA VAL A 230 11.36 -4.90 14.84
C VAL A 230 9.85 -4.93 15.07
N LEU A 231 9.04 -4.70 14.03
CA LEU A 231 7.59 -4.74 14.17
C LEU A 231 7.11 -6.16 14.53
N ASP A 232 7.73 -7.20 14.02
CA ASP A 232 7.34 -8.56 14.41
C ASP A 232 7.45 -8.73 15.93
N HIS A 233 8.44 -8.09 16.51
CA HIS A 233 8.70 -8.19 17.95
C HIS A 233 7.84 -7.27 18.79
N THR A 234 7.34 -6.19 18.24
CA THR A 234 6.73 -5.09 19.02
C THR A 234 5.29 -4.78 18.68
N TYR A 235 4.75 -5.28 17.56
CA TYR A 235 3.52 -4.76 16.97
C TYR A 235 2.41 -4.50 18.00
N ASP A 236 2.12 -5.47 18.87
CA ASP A 236 0.96 -5.38 19.79
C ASP A 236 1.13 -4.27 20.83
N HIS A 237 2.35 -3.81 21.02
CA HIS A 237 2.67 -2.90 22.13
C HIS A 237 2.98 -1.48 21.69
N VAL A 238 3.08 -1.22 20.40
CA VAL A 238 3.53 0.10 19.90
C VAL A 238 2.54 0.67 18.88
N ASP A 239 2.77 1.93 18.51
CA ASP A 239 1.79 2.71 17.79
C ASP A 239 2.32 3.31 16.47
N TYR A 240 3.60 3.51 16.40
CA TYR A 240 4.26 4.09 15.21
C TYR A 240 5.60 3.40 14.98
N ILE A 241 6.05 3.43 13.73
CA ILE A 241 7.40 3.11 13.28
C ILE A 241 7.99 4.39 12.72
N SER A 242 9.27 4.64 13.02
CA SER A 242 9.91 5.83 12.50
C SER A 242 10.68 5.59 11.21
N LEU A 243 10.93 6.67 10.52
CA LEU A 243 11.77 6.71 9.31
C LEU A 243 12.49 8.05 9.26
N HIS A 244 13.63 8.06 8.58
CA HIS A 244 14.59 9.15 8.63
C HIS A 244 15.14 9.44 7.24
N GLN A 245 15.25 10.71 6.87
CA GLN A 245 15.86 11.10 5.59
C GLN A 245 16.49 12.48 5.64
N TYR A 246 17.72 12.57 5.16
CA TYR A 246 18.38 13.81 4.83
C TYR A 246 18.78 13.83 3.38
N TYR A 247 18.72 15.01 2.80
CA TYR A 247 19.15 15.26 1.43
C TYR A 247 20.22 16.35 1.38
N GLY A 248 20.99 16.30 0.30
CA GLY A 248 22.00 17.34 0.02
C GLY A 248 22.30 17.50 -1.46
N ASN A 249 22.95 18.58 -1.83
CA ASN A 249 23.25 18.86 -3.24
C ASN A 249 24.78 18.91 -3.40
N ARG A 250 25.44 17.80 -3.13
CA ARG A 250 26.92 17.73 -3.12
C ARG A 250 27.47 17.83 -4.56
N ASP A 251 26.66 17.47 -5.58
CA ASP A 251 27.08 17.46 -7.00
C ASP A 251 26.68 18.76 -7.71
N ASN A 252 26.07 19.74 -7.02
CA ASN A 252 25.59 21.01 -7.62
CA ASN A 252 25.63 21.02 -7.64
C ASN A 252 24.79 20.69 -8.89
N ASP A 253 23.76 19.90 -8.71
CA ASP A 253 22.82 19.54 -9.80
C ASP A 253 21.40 19.86 -9.32
N THR A 254 20.97 21.08 -9.51
CA THR A 254 19.68 21.61 -8.99
C THR A 254 18.52 20.76 -9.51
N ALA A 255 18.53 20.39 -10.80
CA ALA A 255 17.39 19.66 -11.38
C ALA A 255 17.25 18.28 -10.70
N ASN A 256 18.35 17.61 -10.40
CA ASN A 256 18.32 16.26 -9.78
C ASN A 256 17.98 16.42 -8.30
N TYR A 257 18.50 17.48 -7.68
CA TYR A 257 18.27 17.78 -6.25
C TYR A 257 16.76 17.96 -5.97
N LEU A 258 16.12 18.77 -6.79
CA LEU A 258 14.70 19.06 -6.55
C LEU A 258 13.81 17.87 -6.83
N ALA A 259 14.32 16.86 -7.53
CA ALA A 259 13.56 15.62 -7.76
C ALA A 259 13.57 14.67 -6.57
N LEU A 260 14.39 14.93 -5.54
CA LEU A 260 14.62 13.93 -4.46
C LEU A 260 13.34 13.65 -3.68
N SER A 261 12.37 14.57 -3.65
CA SER A 261 11.12 14.24 -2.95
C SER A 261 10.40 13.03 -3.57
N LEU A 262 10.63 12.74 -4.84
CA LEU A 262 10.04 11.53 -5.46
C LEU A 262 10.57 10.29 -4.74
N GLU A 263 11.82 10.30 -4.35
CA GLU A 263 12.42 9.21 -3.57
C GLU A 263 11.79 9.12 -2.17
N MET A 264 11.57 10.27 -1.56
CA MET A 264 10.91 10.34 -0.23
C MET A 264 9.51 9.72 -0.31
N ASP A 265 8.80 10.01 -1.38
CA ASP A 265 7.44 9.45 -1.61
C ASP A 265 7.49 7.92 -1.63
N ASP A 266 8.39 7.37 -2.43
CA ASP A 266 8.58 5.91 -2.51
C ASP A 266 8.96 5.33 -1.15
N PHE A 267 9.86 6.00 -0.44
CA PHE A 267 10.37 5.54 0.85
C PHE A 267 9.21 5.43 1.83
N ILE A 268 8.34 6.43 1.92
CA ILE A 268 7.19 6.39 2.83
C ILE A 268 6.29 5.21 2.43
N ARG A 269 5.99 5.06 1.14
CA ARG A 269 5.14 3.94 0.69
C ARG A 269 5.77 2.60 1.11
N SER A 270 7.09 2.45 1.03
CA SER A 270 7.79 1.21 1.44
C SER A 270 7.56 0.91 2.91
N VAL A 271 7.74 1.93 3.78
CA VAL A 271 7.62 1.69 5.23
C VAL A 271 6.19 1.39 5.61
N VAL A 272 5.23 2.05 4.94
CA VAL A 272 3.81 1.72 5.15
C VAL A 272 3.58 0.25 4.79
N ALA A 273 4.16 -0.19 3.68
CA ALA A 273 3.97 -1.59 3.24
C ALA A 273 4.48 -2.55 4.30
N ILE A 274 5.62 -2.21 4.93
CA ILE A 274 6.15 -3.12 5.96
C ILE A 274 5.21 -3.22 7.15
N ALA A 275 4.69 -2.07 7.57
CA ALA A 275 3.72 -2.04 8.69
C ALA A 275 2.53 -2.93 8.36
N ASP A 276 2.03 -2.84 7.14
CA ASP A 276 0.82 -3.59 6.74
C ASP A 276 1.14 -5.07 6.53
N TYR A 277 2.37 -5.43 6.11
CA TYR A 277 2.80 -6.85 6.11
C TYR A 277 2.71 -7.41 7.52
N VAL A 278 3.33 -6.75 8.50
CA VAL A 278 3.35 -7.32 9.84
C VAL A 278 1.93 -7.32 10.46
N LYS A 279 1.13 -6.32 10.14
CA LYS A 279 -0.29 -6.33 10.58
CA LYS A 279 -0.29 -6.32 10.57
C LYS A 279 -0.98 -7.63 10.13
N ALA A 280 -0.78 -7.97 8.86
CA ALA A 280 -1.41 -9.19 8.32
C ALA A 280 -0.85 -10.45 8.94
N LYS A 281 0.45 -10.47 9.16
CA LYS A 281 1.09 -11.66 9.76
CA LYS A 281 1.17 -11.62 9.79
C LYS A 281 0.56 -11.89 11.19
N LYS A 282 0.30 -10.80 11.93
CA LYS A 282 -0.26 -10.88 13.30
C LYS A 282 -1.76 -11.03 13.34
N ARG A 283 -2.44 -10.81 12.24
CA ARG A 283 -3.94 -10.73 12.21
C ARG A 283 -4.41 -9.66 13.18
N SER A 284 -3.71 -8.56 13.21
CA SER A 284 -4.07 -7.45 14.10
C SER A 284 -5.10 -6.57 13.41
N LYS A 285 -5.99 -6.04 14.24
CA LYS A 285 -6.97 -5.01 13.82
C LYS A 285 -6.37 -3.61 13.91
N LYS A 286 -5.21 -3.47 14.55
CA LYS A 286 -4.59 -2.16 14.75
C LYS A 286 -3.70 -1.80 13.56
N THR A 287 -3.85 -0.59 13.06
CA THR A 287 -2.96 -0.04 12.01
C THR A 287 -1.83 0.74 12.71
N ILE A 288 -0.60 0.45 12.36
CA ILE A 288 0.61 1.18 12.79
C ILE A 288 0.86 2.31 11.79
N HIS A 289 1.10 3.51 12.31
CA HIS A 289 1.41 4.66 11.46
C HIS A 289 2.87 5.03 11.55
N LEU A 290 3.26 6.06 10.82
CA LEU A 290 4.67 6.44 10.63
C LEU A 290 4.94 7.74 11.39
N SER A 291 6.13 7.77 12.00
CA SER A 291 6.73 8.99 12.57
C SER A 291 7.97 9.31 11.76
N PHE A 292 7.90 10.35 10.94
CA PHE A 292 9.02 10.74 10.08
C PHE A 292 9.88 11.69 10.94
N ASP A 293 10.55 11.09 11.92
CA ASP A 293 11.08 11.84 13.08
C ASP A 293 12.51 12.35 12.90
N GLU A 294 13.06 12.22 11.68
CA GLU A 294 14.14 13.08 11.24
C GLU A 294 14.00 13.36 9.77
N TRP A 295 13.81 14.60 9.40
CA TRP A 295 13.92 14.98 7.97
C TRP A 295 14.48 16.38 7.88
N ASN A 296 15.29 16.61 6.85
CA ASN A 296 15.77 17.95 6.50
C ASN A 296 16.70 17.84 5.30
N VAL A 297 17.16 18.98 4.84
CA VAL A 297 18.43 19.12 4.10
C VAL A 297 19.58 19.13 5.13
N TRP A 298 20.67 18.46 4.81
CA TRP A 298 21.88 18.48 5.64
C TRP A 298 23.07 18.14 4.79
N TYR A 299 23.98 19.08 4.61
CA TYR A 299 25.29 18.78 4.00
C TYR A 299 26.31 19.91 4.10
N HIS A 300 25.85 21.15 4.20
CA HIS A 300 26.75 22.31 4.04
C HIS A 300 27.86 22.35 5.10
N SER A 301 27.60 21.90 6.34
CA SER A 301 28.53 22.05 7.47
C SER A 301 29.49 20.86 7.65
N ASN A 302 29.48 19.90 6.74
CA ASN A 302 30.24 18.66 6.95
C ASN A 302 31.75 18.96 7.12
N GLU A 303 32.36 19.82 6.29
CA GLU A 303 33.81 20.08 6.43
C GLU A 303 34.11 20.86 7.73
N ALA A 304 33.31 21.84 8.07
CA ALA A 304 33.55 22.65 9.29
C ALA A 304 33.55 21.74 10.51
N ASP A 305 32.67 20.74 10.54
CA ASP A 305 32.51 19.89 11.75
C ASP A 305 33.81 19.11 12.03
N LYS A 306 34.56 18.79 10.98
CA LYS A 306 35.79 17.97 11.06
C LYS A 306 36.85 18.73 11.84
N LEU A 307 36.78 20.06 11.96
CA LEU A 307 37.81 20.86 12.66
C LEU A 307 37.52 21.01 14.16
N ILE A 308 36.38 20.53 14.64
CA ILE A 308 35.96 20.69 16.05
C ILE A 308 36.74 19.66 16.90
N GLU A 309 37.44 20.12 17.94
CA GLU A 309 38.22 19.30 18.86
C GLU A 309 37.23 18.60 19.78
N PRO A 310 37.54 17.39 20.26
CA PRO A 310 36.65 16.74 21.22
C PRO A 310 36.68 17.37 22.62
N TRP A 311 35.59 17.13 23.31
CA TRP A 311 35.43 17.39 24.76
C TRP A 311 35.35 18.88 25.06
N THR A 312 34.76 19.63 24.14
CA THR A 312 34.28 20.97 24.47
C THR A 312 32.81 20.94 24.89
N VAL A 313 32.40 22.05 25.51
CA VAL A 313 31.00 22.30 25.87
C VAL A 313 30.36 23.08 24.73
N ALA A 314 29.25 22.56 24.24
CA ALA A 314 28.41 23.24 23.23
C ALA A 314 29.23 23.67 22.02
N PRO A 315 29.89 22.71 21.35
CA PRO A 315 30.57 23.06 20.10
C PRO A 315 29.56 23.45 19.01
N PRO A 316 29.99 24.29 18.02
CA PRO A 316 29.11 24.70 16.93
C PRO A 316 28.99 23.68 15.80
N LEU A 317 28.41 22.52 16.15
CA LEU A 317 28.25 21.34 15.26
C LEU A 317 26.99 21.50 14.40
N LEU A 318 27.07 20.97 13.18
CA LEU A 318 25.92 20.76 12.31
C LEU A 318 25.26 22.08 11.93
N GLU A 319 26.01 23.17 11.90
CA GLU A 319 25.43 24.50 11.63
C GLU A 319 25.40 24.74 10.10
N ASP A 320 24.53 24.04 9.40
CA ASP A 320 24.29 24.31 7.99
C ASP A 320 23.72 25.72 7.87
N ILE A 321 24.16 26.42 6.84
CA ILE A 321 23.54 27.69 6.40
C ILE A 321 22.82 27.39 5.09
N TYR A 322 21.50 27.44 5.17
CA TYR A 322 20.66 27.04 4.04
C TYR A 322 20.54 28.12 2.98
N ASN A 323 20.36 27.66 1.75
CA ASN A 323 20.16 28.57 0.61
C ASN A 323 18.76 28.43 0.03
N PHE A 324 18.51 29.15 -1.07
CA PHE A 324 17.14 29.15 -1.62
C PHE A 324 16.73 27.79 -2.19
N GLU A 325 17.61 27.12 -2.93
CA GLU A 325 17.19 25.82 -3.46
C GLU A 325 16.85 24.87 -2.30
N ASP A 326 17.59 24.96 -1.20
CA ASP A 326 17.30 24.12 -0.02
C ASP A 326 15.83 24.35 0.44
N ALA A 327 15.37 25.59 0.44
CA ALA A 327 13.99 25.94 0.80
C ALA A 327 13.01 25.30 -0.20
N LEU A 328 13.35 25.28 -1.47
CA LEU A 328 12.47 24.64 -2.46
C LEU A 328 12.36 23.14 -2.17
N LEU A 329 13.45 22.48 -1.86
CA LEU A 329 13.38 21.03 -1.58
C LEU A 329 12.61 20.79 -0.27
N VAL A 330 12.86 21.59 0.77
CA VAL A 330 12.06 21.50 2.01
C VAL A 330 10.57 21.60 1.61
N GLY A 331 10.20 22.57 0.77
CA GLY A 331 8.80 22.69 0.37
C GLY A 331 8.27 21.41 -0.29
N CYS A 332 9.06 20.83 -1.19
CA CYS A 332 8.66 19.54 -1.82
C CYS A 332 8.53 18.43 -0.79
N MET A 333 9.40 18.39 0.22
CA MET A 333 9.32 17.39 1.29
C MET A 333 8.05 17.58 2.10
N LEU A 334 7.69 18.83 2.43
CA LEU A 334 6.44 19.11 3.16
C LEU A 334 5.20 18.65 2.36
N ILE A 335 5.18 18.98 1.08
CA ILE A 335 4.09 18.52 0.23
C ILE A 335 4.04 16.99 0.26
N THR A 336 5.18 16.34 0.26
CA THR A 336 5.23 14.85 0.26
C THR A 336 4.68 14.29 1.57
N LEU A 337 4.99 14.96 2.69
CA LEU A 337 4.38 14.54 3.97
C LEU A 337 2.84 14.66 3.89
N MET A 338 2.35 15.80 3.38
CA MET A 338 0.91 15.99 3.28
C MET A 338 0.26 14.91 2.36
N LYS A 339 0.94 14.54 1.29
CA LYS A 339 0.46 13.53 0.35
C LYS A 339 0.27 12.19 1.06
N HIS A 340 0.93 11.99 2.19
CA HIS A 340 0.87 10.75 2.98
C HIS A 340 0.24 10.99 4.35
N ALA A 341 -0.67 11.95 4.42
CA ALA A 341 -1.37 12.26 5.68
C ALA A 341 -2.15 11.09 6.24
N ASP A 342 -2.53 10.14 5.39
CA ASP A 342 -3.23 8.94 5.85
C ASP A 342 -2.40 8.08 6.77
N ARG A 343 -1.09 8.06 6.60
CA ARG A 343 -0.23 7.11 7.35
C ARG A 343 0.93 7.78 8.07
N VAL A 344 1.33 9.01 7.71
CA VAL A 344 2.39 9.74 8.45
C VAL A 344 1.65 10.71 9.38
N LYS A 345 1.75 10.39 10.67
CA LYS A 345 0.99 11.11 11.71
C LYS A 345 1.89 12.04 12.53
N ILE A 346 3.19 11.79 12.55
CA ILE A 346 4.17 12.63 13.28
C ILE A 346 5.30 12.86 12.31
N ALA A 347 5.92 14.03 12.32
CA ALA A 347 7.17 14.28 11.60
C ALA A 347 7.96 15.35 12.36
N CYS A 348 9.29 15.23 12.27
CA CYS A 348 10.15 16.11 13.01
C CYS A 348 11.21 16.68 12.09
N LEU A 349 11.09 17.99 11.80
CA LEU A 349 12.16 18.70 11.09
C LEU A 349 13.36 18.65 12.00
N ALA A 350 14.46 18.03 11.56
CA ALA A 350 15.62 17.80 12.43
C ALA A 350 16.67 18.82 12.02
N GLN A 351 17.00 19.82 12.87
CA GLN A 351 16.48 20.09 14.19
C GLN A 351 16.02 21.55 14.25
N LEU A 352 15.56 22.00 15.42
CA LEU A 352 14.77 23.22 15.46
C LEU A 352 15.62 24.51 15.60
N VAL A 353 16.71 24.46 16.34
CA VAL A 353 17.55 25.64 16.67
C VAL A 353 19.03 25.28 16.52
N ASN A 354 19.73 26.04 15.67
CA ASN A 354 21.20 26.00 15.43
C ASN A 354 21.67 24.75 14.66
N VAL A 355 21.22 23.58 15.07
CA VAL A 355 21.59 22.28 14.52
C VAL A 355 20.66 21.96 13.36
N ILE A 356 21.26 22.00 12.17
CA ILE A 356 20.56 21.76 10.88
C ILE A 356 19.13 22.35 10.97
N ALA A 357 19.08 23.66 11.14
CA ALA A 357 17.89 24.28 11.76
C ALA A 357 17.35 25.47 10.95
N PRO A 358 16.02 25.72 11.06
CA PRO A 358 15.41 26.90 10.47
C PRO A 358 15.64 28.20 11.25
N ILE A 359 16.07 28.06 12.50
CA ILE A 359 16.32 29.20 13.43
C ILE A 359 17.80 29.10 13.83
N MET A 360 18.53 30.20 13.67
CA MET A 360 19.94 30.26 14.08
C MET A 360 20.14 31.40 15.08
N THR A 361 21.10 31.22 15.99
CA THR A 361 21.37 32.25 17.00
C THR A 361 22.84 32.62 16.95
N GLU A 362 23.07 33.82 17.43
CA GLU A 362 24.43 34.36 17.75
C GLU A 362 24.54 34.59 19.26
N LYS A 363 25.67 34.23 19.85
CA LYS A 363 25.96 34.49 21.29
C LYS A 363 25.80 35.98 21.53
N ASN A 364 25.02 36.30 22.57
CA ASN A 364 24.74 37.69 23.00
C ASN A 364 24.18 38.52 21.85
N GLY A 365 23.66 37.86 20.80
CA GLY A 365 23.29 38.53 19.55
C GLY A 365 21.95 38.03 19.03
N PRO A 366 21.65 38.33 17.75
CA PRO A 366 20.37 38.05 17.17
C PRO A 366 20.05 36.56 16.95
N ALA A 367 18.75 36.31 16.83
CA ALA A 367 18.21 35.06 16.30
C ALA A 367 17.57 35.40 14.95
N TRP A 368 17.76 34.52 13.99
CA TRP A 368 17.33 34.81 12.62
C TRP A 368 16.79 33.57 11.91
N LYS A 369 16.00 33.84 10.86
CA LYS A 369 15.25 32.83 10.09
C LYS A 369 16.07 32.42 8.87
N GLN A 370 16.36 31.16 8.77
CA GLN A 370 17.00 30.59 7.55
C GLN A 370 15.99 30.58 6.39
N THR A 371 16.48 30.35 5.18
CA THR A 371 15.59 30.21 4.00
C THR A 371 14.50 29.17 4.25
N ILE A 372 14.86 28.04 4.88
CA ILE A 372 13.92 26.91 5.07
C ILE A 372 12.82 27.20 6.09
N TYR A 373 13.01 28.24 6.91
CA TYR A 373 11.98 28.66 7.89
C TYR A 373 10.66 28.93 7.20
N TYR A 374 10.72 29.61 6.05
CA TYR A 374 9.49 30.11 5.39
C TYR A 374 8.56 29.02 4.87
N PRO A 375 9.00 28.03 4.05
CA PRO A 375 8.05 26.99 3.63
C PRO A 375 7.56 26.19 4.83
N PHE A 376 8.38 25.94 5.83
CA PHE A 376 7.90 25.22 7.03
C PHE A 376 6.81 26.01 7.74
N MET A 377 7.04 27.29 7.95
CA MET A 377 6.01 28.16 8.56
CA MET A 377 6.01 28.16 8.56
C MET A 377 4.72 28.11 7.73
N HIS A 378 4.82 28.25 6.44
CA HIS A 378 3.62 28.25 5.58
C HIS A 378 2.85 26.93 5.70
N ALA A 379 3.56 25.83 5.62
CA ALA A 379 2.94 24.51 5.71
C ALA A 379 2.27 24.33 7.07
N SER A 380 2.97 24.69 8.16
CA SER A 380 2.38 24.52 9.51
C SER A 380 1.15 25.42 9.69
N VAL A 381 1.28 26.66 9.26
CA VAL A 381 0.23 27.65 9.55
C VAL A 381 -1.00 27.43 8.64
N TYR A 382 -0.78 27.20 7.35
CA TYR A 382 -1.88 27.07 6.39
C TYR A 382 -2.25 25.65 5.99
N GLY A 383 -1.51 24.66 6.47
CA GLY A 383 -1.69 23.25 6.11
C GLY A 383 -2.39 22.38 7.12
N ARG A 384 -3.34 22.93 7.83
CA ARG A 384 -4.16 22.17 8.75
C ARG A 384 -5.54 21.95 8.06
N GLY A 385 -6.06 20.73 8.12
CA GLY A 385 -7.30 20.37 7.44
C GLY A 385 -7.12 18.97 6.81
N VAL A 386 -7.81 18.77 5.71
CA VAL A 386 -7.82 17.49 4.99
C VAL A 386 -6.96 17.63 3.76
N ALA A 387 -6.00 16.74 3.62
CA ALA A 387 -5.20 16.65 2.37
C ALA A 387 -6.08 16.05 1.28
N LEU A 388 -6.23 16.74 0.18
CA LEU A 388 -6.98 16.24 -0.97
C LEU A 388 -6.08 15.47 -1.93
N HIS A 389 -6.67 14.48 -2.58
CA HIS A 389 -5.92 13.70 -3.56
CA HIS A 389 -5.97 13.67 -3.62
C HIS A 389 -5.69 14.58 -4.79
N PRO A 390 -4.42 14.86 -5.18
CA PRO A 390 -4.18 15.66 -6.37
C PRO A 390 -4.29 14.81 -7.65
N VAL A 391 -4.96 15.37 -8.62
CA VAL A 391 -4.90 14.79 -9.97
C VAL A 391 -4.44 15.91 -10.85
N ILE A 392 -3.24 15.68 -11.28
CA ILE A 392 -2.36 16.66 -11.94
C ILE A 392 -1.94 16.14 -13.31
N SER A 393 -1.97 17.06 -14.26
CA SER A 393 -1.30 16.92 -15.57
C SER A 393 -0.18 17.98 -15.66
N SER A 394 1.09 17.55 -15.55
CA SER A 394 2.27 18.43 -15.54
C SER A 394 3.23 18.01 -16.62
N PRO A 395 3.93 18.99 -17.23
CA PRO A 395 5.11 18.66 -18.03
C PRO A 395 6.18 18.08 -17.10
N LYS A 396 7.09 17.33 -17.70
CA LYS A 396 8.04 16.51 -16.95
C LYS A 396 9.45 16.60 -17.54
N TYR A 397 10.45 16.23 -16.73
CA TYR A 397 11.87 16.20 -17.17
C TYR A 397 12.60 14.98 -16.63
N ASP A 398 13.71 14.61 -17.26
CA ASP A 398 14.58 13.55 -16.74
C ASP A 398 15.81 14.21 -16.11
N SER A 399 16.35 13.62 -15.05
CA SER A 399 17.63 14.02 -14.41
C SER A 399 18.56 12.80 -14.26
N LYS A 400 19.75 12.98 -13.71
CA LYS A 400 20.76 11.89 -13.51
C LYS A 400 20.07 10.65 -12.94
N ASP A 401 19.28 10.82 -11.88
CA ASP A 401 18.78 9.71 -11.05
C ASP A 401 17.27 9.46 -11.16
N PHE A 402 16.52 10.30 -11.89
CA PHE A 402 15.04 10.29 -11.92
C PHE A 402 14.54 10.50 -13.34
N THR A 403 13.50 9.74 -13.69
CA THR A 403 12.80 9.90 -14.99
C THR A 403 11.40 10.45 -14.73
N ASP A 404 10.89 11.25 -15.65
CA ASP A 404 9.48 11.70 -15.60
C ASP A 404 9.23 12.48 -14.31
N VAL A 405 10.13 13.36 -13.98
CA VAL A 405 9.97 14.28 -12.81
C VAL A 405 8.99 15.39 -13.20
N PRO A 406 7.84 15.56 -12.53
CA PRO A 406 6.96 16.66 -12.88
C PRO A 406 7.56 18.01 -12.50
N TYR A 407 7.41 19.01 -13.36
CA TYR A 407 7.85 20.38 -13.00
C TYR A 407 7.03 20.85 -11.80
N LEU A 408 5.77 20.44 -11.73
CA LEU A 408 4.85 20.82 -10.64
C LEU A 408 4.90 19.81 -9.50
N GLU A 409 5.16 20.27 -8.29
CA GLU A 409 4.94 19.49 -7.07
C GLU A 409 3.83 20.22 -6.31
N SER A 410 2.70 19.59 -6.07
CA SER A 410 1.58 20.34 -5.46
C SER A 410 0.59 19.46 -4.74
N ILE A 411 -0.06 20.03 -3.72
CA ILE A 411 -1.22 19.43 -3.06
C ILE A 411 -2.09 20.55 -2.55
N ALA A 412 -3.38 20.26 -2.40
CA ALA A 412 -4.35 21.18 -1.75
C ALA A 412 -4.78 20.61 -0.41
N VAL A 413 -4.96 21.53 0.54
CA VAL A 413 -5.46 21.18 1.86
C VAL A 413 -6.74 21.97 2.12
N TYR A 414 -7.83 21.25 2.43
CA TYR A 414 -9.15 21.83 2.68
C TYR A 414 -9.41 21.87 4.18
N ASN A 415 -9.68 23.07 4.67
CA ASN A 415 -10.06 23.31 6.06
C ASN A 415 -11.53 23.67 6.08
N GLU A 416 -12.37 22.72 6.40
CA GLU A 416 -13.82 22.94 6.33
C GLU A 416 -14.26 23.90 7.44
N GLU A 417 -13.64 23.90 8.59
CA GLU A 417 -14.08 24.83 9.65
C GLU A 417 -13.80 26.29 9.26
N LYS A 418 -12.69 26.55 8.57
CA LYS A 418 -12.29 27.92 8.17
C LYS A 418 -12.88 28.27 6.77
N GLU A 419 -13.48 27.28 6.09
CA GLU A 419 -13.99 27.37 4.69
C GLU A 419 -12.81 27.93 3.86
N GLU A 420 -11.66 27.26 3.91
CA GLU A 420 -10.41 27.61 3.18
C GLU A 420 -9.82 26.41 2.48
N VAL A 421 -9.24 26.68 1.33
CA VAL A 421 -8.42 25.67 0.62
C VAL A 421 -7.06 26.30 0.35
N THR A 422 -6.00 25.63 0.70
CA THR A 422 -4.64 26.12 0.46
C THR A 422 -3.95 25.20 -0.52
N ILE A 423 -3.46 25.79 -1.63
CA ILE A 423 -2.70 25.05 -2.64
C ILE A 423 -1.22 25.35 -2.40
N PHE A 424 -0.44 24.35 -2.06
CA PHE A 424 1.02 24.43 -1.96
C PHE A 424 1.61 23.98 -3.28
N ALA A 425 2.48 24.78 -3.89
CA ALA A 425 3.02 24.39 -5.21
C ALA A 425 4.45 24.83 -5.33
N VAL A 426 5.30 23.93 -5.78
CA VAL A 426 6.67 24.22 -6.26
C VAL A 426 6.71 24.08 -7.77
N ASN A 427 7.31 25.08 -8.41
CA ASN A 427 7.73 24.96 -9.81
C ASN A 427 9.22 24.62 -9.82
N ARG A 428 9.57 23.41 -10.20
CA ARG A 428 10.97 22.95 -10.30
C ARG A 428 11.66 23.49 -11.54
N ASP A 429 10.94 24.06 -12.51
CA ASP A 429 11.54 24.44 -13.78
C ASP A 429 12.62 25.50 -13.49
N MET A 430 13.82 25.29 -14.03
CA MET A 430 14.99 26.19 -13.85
C MET A 430 14.94 27.37 -14.86
N GLU A 431 14.02 27.35 -15.83
CA GLU A 431 14.05 28.39 -16.91
C GLU A 431 12.66 29.05 -17.10
N ASP A 432 11.57 28.29 -17.03
CA ASP A 432 10.22 28.75 -17.47
C ASP A 432 9.26 28.85 -16.29
N ALA A 433 8.38 29.86 -16.29
CA ALA A 433 7.20 29.89 -15.44
C ALA A 433 6.27 28.74 -15.87
N LEU A 434 5.45 28.28 -14.92
CA LEU A 434 4.39 27.31 -15.17
C LEU A 434 3.04 27.98 -14.96
N LEU A 435 2.17 27.93 -15.96
CA LEU A 435 0.79 28.50 -15.92
C LEU A 435 -0.08 27.38 -15.35
N LEU A 436 -0.40 27.45 -14.05
CA LEU A 436 -1.20 26.41 -13.36
C LEU A 436 -2.69 26.76 -13.49
N GLU A 437 -3.51 25.82 -13.94
CA GLU A 437 -4.99 25.96 -14.01
C GLU A 437 -5.57 24.92 -13.04
N CYS A 438 -6.31 25.35 -12.04
CA CYS A 438 -6.92 24.50 -11.02
C CYS A 438 -8.44 24.51 -11.15
N ASP A 439 -9.02 23.33 -11.37
CA ASP A 439 -10.48 23.14 -11.43
C ASP A 439 -11.03 23.12 -10.01
N VAL A 440 -11.74 24.18 -9.61
CA VAL A 440 -12.30 24.38 -8.25
C VAL A 440 -13.85 24.40 -8.32
N ARG A 441 -14.43 23.74 -9.31
CA ARG A 441 -15.92 23.58 -9.44
C ARG A 441 -16.52 23.08 -8.11
N SER A 442 -15.86 22.17 -7.38
CA SER A 442 -16.40 21.58 -6.12
C SER A 442 -16.34 22.56 -4.94
N PHE A 443 -15.73 23.73 -5.10
CA PHE A 443 -15.65 24.82 -4.08
C PHE A 443 -16.39 26.08 -4.58
N GLU A 444 -17.73 26.02 -4.57
CA GLU A 444 -18.64 27.09 -5.01
C GLU A 444 -18.42 28.33 -4.13
N ASP A 445 -18.36 29.51 -4.73
CA ASP A 445 -18.33 30.82 -4.00
C ASP A 445 -16.96 30.95 -3.31
N TYR A 446 -15.94 30.12 -3.63
CA TYR A 446 -14.57 30.39 -3.17
C TYR A 446 -13.94 31.49 -4.05
N ARG A 447 -13.12 32.30 -3.39
CA ARG A 447 -12.34 33.40 -4.00
C ARG A 447 -10.87 33.21 -3.62
N VAL A 448 -9.97 33.87 -4.33
CA VAL A 448 -8.55 33.95 -3.91
C VAL A 448 -8.45 34.94 -2.75
N ILE A 449 -7.75 34.50 -1.70
CA ILE A 449 -7.42 35.33 -0.54
C ILE A 449 -6.07 35.97 -0.84
N GLU A 450 -5.05 35.15 -1.15
CA GLU A 450 -3.66 35.61 -1.31
C GLU A 450 -2.87 34.59 -2.10
N HIS A 451 -1.76 35.03 -2.66
CA HIS A 451 -0.80 34.16 -3.36
C HIS A 451 0.60 34.58 -2.93
N ILE A 452 1.16 33.79 -2.03
CA ILE A 452 2.51 33.97 -1.45
C ILE A 452 3.52 33.30 -2.35
N VAL A 453 4.63 33.98 -2.60
CA VAL A 453 5.73 33.45 -3.46
C VAL A 453 7.06 33.57 -2.73
N LEU A 454 7.80 32.49 -2.68
CA LEU A 454 9.24 32.50 -2.24
C LEU A 454 10.08 32.17 -3.49
N GLU A 455 10.86 33.15 -3.91
CA GLU A 455 11.69 33.03 -5.12
C GLU A 455 12.95 33.86 -4.91
N HIS A 456 14.01 33.48 -5.60
CA HIS A 456 15.25 34.26 -5.64
C HIS A 456 16.01 33.86 -6.92
N ASP A 457 16.61 34.82 -7.61
CA ASP A 457 17.39 34.60 -8.85
C ASP A 457 18.56 33.64 -8.63
N ASN A 458 19.12 33.59 -7.43
CA ASN A 458 20.35 32.83 -7.11
C ASN A 458 19.99 31.67 -6.17
N VAL A 459 19.97 30.45 -6.67
CA VAL A 459 19.63 29.27 -5.84
C VAL A 459 20.61 29.16 -4.67
N LYS A 460 21.83 29.70 -4.77
CA LYS A 460 22.82 29.53 -3.67
C LYS A 460 22.72 30.65 -2.65
N GLN A 461 21.84 31.60 -2.81
CA GLN A 461 21.73 32.72 -1.85
C GLN A 461 21.24 32.21 -0.50
N THR A 462 21.87 32.68 0.56
CA THR A 462 21.53 32.37 1.96
C THR A 462 20.99 33.62 2.67
N ASN A 463 20.37 33.39 3.81
CA ASN A 463 20.07 34.48 4.76
C ASN A 463 21.21 34.51 5.80
N SER A 464 21.20 35.53 6.66
CA SER A 464 22.21 35.68 7.73
C SER A 464 21.63 36.59 8.82
N ALA A 465 22.38 36.75 9.89
CA ALA A 465 21.93 37.65 10.99
C ALA A 465 21.85 39.08 10.46
N GLN A 466 22.69 39.45 9.49
CA GLN A 466 22.78 40.87 9.02
C GLN A 466 21.75 41.16 7.91
N SER A 467 21.31 40.16 7.14
CA SER A 467 20.39 40.44 6.01
C SER A 467 19.64 39.20 5.53
N SER A 468 18.41 39.40 5.07
CA SER A 468 17.52 38.32 4.59
C SER A 468 17.04 38.61 3.19
N PRO A 469 17.89 38.38 2.18
CA PRO A 469 17.46 38.56 0.79
C PRO A 469 16.44 37.52 0.33
N VAL A 470 16.36 36.38 1.02
CA VAL A 470 15.43 35.30 0.62
C VAL A 470 14.24 35.33 1.56
N VAL A 471 13.17 35.98 1.12
CA VAL A 471 11.99 36.19 1.98
C VAL A 471 10.74 36.15 1.10
N PRO A 472 9.59 35.75 1.65
CA PRO A 472 8.37 35.70 0.85
C PRO A 472 7.84 37.07 0.48
N HIS A 473 7.10 37.11 -0.61
CA HIS A 473 6.30 38.27 -0.99
C HIS A 473 4.89 37.81 -1.33
N ARG A 474 3.97 38.76 -1.46
CA ARG A 474 2.55 38.43 -1.72
C ARG A 474 2.16 38.91 -3.13
N ASN A 475 3.09 38.98 -4.08
CA ASN A 475 2.76 39.51 -5.44
C ASN A 475 2.39 38.40 -6.43
N GLY A 476 2.05 37.22 -5.95
CA GLY A 476 1.55 36.15 -6.82
C GLY A 476 0.26 36.55 -7.50
N ASP A 477 0.07 36.11 -8.74
CA ASP A 477 -1.06 36.60 -9.58
C ASP A 477 -2.24 35.65 -9.63
N ALA A 478 -2.36 34.70 -8.72
CA ALA A 478 -3.51 33.76 -8.76
C ALA A 478 -4.84 34.52 -8.87
N GLN A 479 -5.73 34.05 -9.74
CA GLN A 479 -7.04 34.67 -10.00
C GLN A 479 -8.07 33.59 -10.27
N LEU A 480 -9.29 33.80 -9.80
CA LEU A 480 -10.41 32.84 -9.95
C LEU A 480 -11.36 33.42 -10.98
N SER A 481 -11.59 32.70 -12.07
CA SER A 481 -12.52 33.06 -13.17
C SER A 481 -13.21 31.78 -13.62
N ASP A 482 -14.53 31.74 -13.79
CA ASP A 482 -15.25 30.59 -14.40
C ASP A 482 -14.86 29.27 -13.68
N ARG A 483 -14.87 29.25 -12.34
CA ARG A 483 -14.67 28.03 -11.50
C ARG A 483 -13.25 27.45 -11.74
N LYS A 484 -12.31 28.30 -12.14
CA LYS A 484 -10.88 27.90 -12.44
C LYS A 484 -9.95 28.92 -11.77
N VAL A 485 -9.01 28.45 -10.96
CA VAL A 485 -7.91 29.29 -10.47
C VAL A 485 -6.75 29.17 -11.45
N SER A 486 -6.36 30.29 -11.99
CA SER A 486 -5.20 30.39 -12.86
C SER A 486 -4.10 31.13 -12.09
N ALA A 487 -2.90 30.58 -12.07
CA ALA A 487 -1.77 31.18 -11.34
C ALA A 487 -0.49 30.94 -12.11
N THR A 488 0.29 31.99 -12.26
CA THR A 488 1.66 31.88 -12.82
C THR A 488 2.59 31.51 -11.64
N LEU A 489 3.21 30.34 -11.73
CA LEU A 489 4.26 29.91 -10.80
C LEU A 489 5.60 30.25 -11.40
N PRO A 490 6.32 31.25 -10.87
CA PRO A 490 7.60 31.63 -11.46
C PRO A 490 8.58 30.45 -11.49
N LYS A 491 9.57 30.50 -12.39
CA LYS A 491 10.63 29.46 -12.37
C LYS A 491 11.21 29.39 -10.95
N LEU A 492 11.53 28.18 -10.52
CA LEU A 492 12.18 27.91 -9.23
C LEU A 492 11.47 28.70 -8.12
N SER A 493 10.24 28.31 -7.85
CA SER A 493 9.46 29.02 -6.82
C SER A 493 8.65 28.10 -5.93
N TRP A 494 8.43 28.56 -4.71
CA TRP A 494 7.49 28.00 -3.72
C TRP A 494 6.29 28.94 -3.70
N ASN A 495 5.10 28.36 -3.73
CA ASN A 495 3.85 29.14 -3.86
C ASN A 495 2.83 28.62 -2.86
N VAL A 496 2.11 29.55 -2.23
CA VAL A 496 1.01 29.23 -1.31
C VAL A 496 -0.18 30.04 -1.80
N ILE A 497 -1.14 29.36 -2.43
CA ILE A 497 -2.34 29.99 -3.03
C ILE A 497 -3.51 29.66 -2.10
N ARG A 498 -3.96 30.67 -1.38
CA ARG A 498 -5.01 30.53 -0.36
C ARG A 498 -6.34 30.96 -0.99
N LEU A 499 -7.33 30.12 -0.89
CA LEU A 499 -8.70 30.34 -1.31
C LEU A 499 -9.63 30.30 -0.09
N GLY A 500 -10.72 31.07 -0.17
CA GLY A 500 -11.69 31.06 0.92
C GLY A 500 -13.09 31.38 0.43
N LYS A 501 -14.09 30.88 1.14
CA LYS A 501 -15.49 31.11 0.75
C LYS A 501 -15.77 32.55 1.11
N ARG A 502 -16.33 33.34 0.19
CA ARG A 502 -16.58 34.79 0.47
C ARG A 502 -17.94 35.20 -0.10
N THR B 3 -37.08 1.79 0.87
CA THR B 3 -35.92 2.43 0.08
C THR B 3 -34.86 3.19 0.94
N LYS B 4 -33.60 3.23 0.46
CA LYS B 4 -32.44 4.06 0.89
C LYS B 4 -31.76 4.77 -0.32
N LYS B 5 -30.95 5.82 -0.09
CA LYS B 5 -30.24 6.64 -1.11
C LYS B 5 -28.72 6.41 -1.01
N ALA B 6 -28.00 6.38 -2.13
CA ALA B 6 -26.51 6.34 -2.26
C ALA B 6 -26.09 7.23 -3.40
N THR B 7 -24.89 7.78 -3.31
CA THR B 7 -24.33 8.62 -4.37
C THR B 7 -22.95 8.09 -4.73
N MET B 8 -22.54 8.43 -5.95
CA MET B 8 -21.27 8.01 -6.54
C MET B 8 -20.78 9.08 -7.53
N ILE B 9 -19.50 9.41 -7.50
CA ILE B 9 -18.86 10.30 -8.49
C ILE B 9 -18.12 9.39 -9.47
N ILE B 10 -18.42 9.55 -10.75
CA ILE B 10 -17.74 8.81 -11.86
C ILE B 10 -16.88 9.80 -12.64
N GLU B 11 -15.60 9.96 -12.26
CA GLU B 11 -14.70 10.99 -12.87
C GLU B 11 -13.66 10.29 -13.76
N LYS B 12 -13.71 10.63 -15.04
CA LYS B 12 -12.84 10.09 -16.12
C LYS B 12 -11.39 10.22 -15.66
N ASP B 13 -11.04 11.31 -14.96
CA ASP B 13 -9.62 11.63 -14.66
C ASP B 13 -9.18 11.03 -13.32
N PHE B 14 -10.04 10.36 -12.57
CA PHE B 14 -9.67 9.70 -11.29
CA PHE B 14 -9.64 9.70 -11.32
C PHE B 14 -9.67 8.19 -11.57
N LYS B 15 -8.52 7.68 -11.97
CA LYS B 15 -8.33 6.31 -12.51
C LYS B 15 -7.57 5.46 -11.49
N ILE B 16 -7.95 4.20 -11.40
CA ILE B 16 -7.13 3.18 -10.73
C ILE B 16 -6.07 2.69 -11.71
N ALA B 17 -6.47 2.06 -12.79
CA ALA B 17 -5.55 1.47 -13.79
C ALA B 17 -6.35 0.89 -14.93
N GLU B 18 -5.66 0.65 -16.05
CA GLU B 18 -6.22 -0.24 -17.09
C GLU B 18 -6.40 -1.62 -16.44
N ILE B 19 -7.56 -2.22 -16.73
CA ILE B 19 -7.84 -3.60 -16.29
C ILE B 19 -7.08 -4.53 -17.22
N ASP B 20 -6.28 -5.40 -16.64
CA ASP B 20 -5.66 -6.49 -17.39
C ASP B 20 -6.77 -7.53 -17.62
N LYS B 21 -7.09 -7.84 -18.88
CA LYS B 21 -8.18 -8.78 -19.14
C LYS B 21 -7.99 -10.17 -18.49
N ARG B 22 -6.78 -10.52 -18.10
CA ARG B 22 -6.51 -11.78 -17.40
C ARG B 22 -7.13 -11.83 -16.00
N ILE B 23 -7.69 -10.73 -15.48
CA ILE B 23 -8.46 -10.86 -14.24
C ILE B 23 -9.76 -11.64 -14.49
N TYR B 24 -10.15 -11.88 -15.73
CA TYR B 24 -11.34 -12.67 -16.07
C TYR B 24 -10.90 -14.09 -16.48
N GLY B 25 -9.77 -14.56 -15.97
CA GLY B 25 -9.30 -15.92 -16.21
C GLY B 25 -10.07 -16.98 -15.49
N SER B 26 -9.74 -18.24 -15.76
CA SER B 26 -10.29 -19.39 -15.02
C SER B 26 -9.23 -20.51 -14.96
N PHE B 27 -9.69 -21.73 -14.72
CA PHE B 27 -8.82 -22.82 -14.21
C PHE B 27 -9.49 -24.14 -14.54
N ILE B 28 -8.74 -25.03 -15.13
CA ILE B 28 -9.13 -26.44 -15.31
C ILE B 28 -8.03 -27.30 -14.71
N GLU B 29 -8.36 -28.09 -13.72
CA GLU B 29 -7.51 -29.12 -13.12
C GLU B 29 -7.97 -30.50 -13.57
N HIS B 30 -7.02 -31.44 -13.55
CA HIS B 30 -7.37 -32.88 -13.58
C HIS B 30 -7.97 -33.23 -12.21
N LEU B 31 -9.22 -32.91 -12.04
CA LEU B 31 -9.95 -33.06 -10.78
C LEU B 31 -11.39 -33.40 -11.15
N GLY B 32 -11.92 -34.47 -10.59
CA GLY B 32 -13.34 -34.80 -10.77
C GLY B 32 -13.70 -34.87 -12.25
N ARG B 33 -14.75 -34.19 -12.63
CA ARG B 33 -15.24 -34.20 -14.04
CA ARG B 33 -15.26 -34.21 -14.04
C ARG B 33 -14.91 -32.90 -14.79
N ALA B 34 -13.91 -32.18 -14.35
CA ALA B 34 -13.52 -30.93 -15.06
C ALA B 34 -13.01 -31.27 -16.47
N VAL B 35 -12.13 -32.25 -16.54
CA VAL B 35 -11.61 -32.71 -17.86
C VAL B 35 -12.53 -33.81 -18.40
N TYR B 36 -12.58 -34.94 -17.71
CA TYR B 36 -13.26 -36.15 -18.23
C TYR B 36 -14.76 -36.03 -17.89
N GLY B 37 -15.57 -35.78 -18.93
CA GLY B 37 -16.98 -35.49 -18.77
C GLY B 37 -17.26 -34.02 -18.67
N GLY B 38 -16.26 -33.18 -18.76
CA GLY B 38 -16.36 -31.73 -18.72
C GLY B 38 -15.99 -31.19 -20.07
N ILE B 39 -14.72 -30.85 -20.26
CA ILE B 39 -14.28 -30.37 -21.59
C ILE B 39 -14.27 -31.54 -22.59
N TYR B 40 -13.98 -32.76 -22.15
CA TYR B 40 -13.66 -33.90 -23.03
C TYR B 40 -14.57 -35.08 -22.72
N GLU B 41 -15.31 -35.50 -23.76
CA GLU B 41 -16.29 -36.61 -23.61
C GLU B 41 -16.48 -37.26 -24.96
N PRO B 42 -15.56 -38.14 -25.38
CA PRO B 42 -15.62 -38.70 -26.71
C PRO B 42 -16.94 -39.40 -27.00
N GLY B 43 -17.60 -40.04 -26.05
CA GLY B 43 -18.94 -40.61 -26.42
C GLY B 43 -20.10 -39.65 -26.69
N HIS B 44 -19.94 -38.39 -26.34
CA HIS B 44 -21.08 -37.47 -26.28
C HIS B 44 -21.53 -37.14 -27.70
N PRO B 45 -22.85 -37.05 -27.93
CA PRO B 45 -23.32 -36.76 -29.29
C PRO B 45 -22.81 -35.44 -29.85
N GLN B 46 -22.48 -34.52 -28.96
CA GLN B 46 -22.05 -33.17 -29.35
C GLN B 46 -20.53 -33.06 -29.30
N ALA B 47 -19.81 -34.15 -29.18
CA ALA B 47 -18.33 -34.11 -29.24
C ALA B 47 -17.85 -33.76 -30.64
N ASP B 48 -16.77 -32.99 -30.71
CA ASP B 48 -16.10 -32.68 -31.99
C ASP B 48 -15.20 -33.85 -32.39
N GLU B 49 -14.46 -33.68 -33.48
CA GLU B 49 -13.62 -34.78 -33.99
C GLU B 49 -12.50 -35.14 -33.03
N ASN B 50 -12.15 -34.29 -32.07
CA ASN B 50 -11.10 -34.57 -31.07
C ASN B 50 -11.70 -35.00 -29.71
N GLY B 51 -13.02 -35.18 -29.64
CA GLY B 51 -13.69 -35.62 -28.39
C GLY B 51 -14.12 -34.49 -27.48
N PHE B 52 -13.92 -33.23 -27.89
CA PHE B 52 -14.28 -32.08 -27.05
C PHE B 52 -15.76 -31.78 -27.17
N ARG B 53 -16.42 -31.56 -26.03
CA ARG B 53 -17.86 -31.22 -26.05
C ARG B 53 -18.07 -29.84 -26.67
N GLN B 54 -18.82 -29.79 -27.76
CA GLN B 54 -19.03 -28.51 -28.44
C GLN B 54 -19.90 -27.58 -27.60
N ASP B 55 -20.84 -28.13 -26.82
CA ASP B 55 -21.71 -27.27 -26.00
C ASP B 55 -20.88 -26.55 -24.93
N VAL B 56 -19.96 -27.23 -24.34
CA VAL B 56 -19.05 -26.60 -23.36
C VAL B 56 -18.19 -25.55 -24.04
N ILE B 57 -17.64 -25.85 -25.22
CA ILE B 57 -16.88 -24.83 -25.97
C ILE B 57 -17.69 -23.56 -26.12
N GLU B 58 -18.96 -23.65 -26.52
CA GLU B 58 -19.74 -22.44 -26.77
C GLU B 58 -19.94 -21.72 -25.44
N LEU B 59 -20.22 -22.43 -24.35
CA LEU B 59 -20.46 -21.75 -23.04
C LEU B 59 -19.21 -21.03 -22.56
N VAL B 60 -18.05 -21.63 -22.77
CA VAL B 60 -16.78 -20.98 -22.38
C VAL B 60 -16.52 -19.76 -23.28
N LYS B 61 -16.73 -19.88 -24.57
CA LYS B 61 -16.50 -18.75 -25.50
C LYS B 61 -17.36 -17.56 -25.07
N GLU B 62 -18.61 -17.80 -24.63
CA GLU B 62 -19.48 -16.67 -24.25
C GLU B 62 -18.93 -15.93 -23.02
N LEU B 63 -18.21 -16.60 -22.17
CA LEU B 63 -17.55 -15.96 -21.01
C LEU B 63 -16.29 -15.17 -21.41
N GLN B 64 -15.77 -15.36 -22.61
CA GLN B 64 -14.59 -14.62 -23.10
C GLN B 64 -13.44 -14.73 -22.09
N VAL B 65 -13.19 -15.91 -21.61
CA VAL B 65 -12.09 -16.18 -20.65
C VAL B 65 -10.78 -16.04 -21.37
N PRO B 66 -9.87 -15.12 -20.94
CA PRO B 66 -8.65 -14.96 -21.70
C PRO B 66 -7.51 -15.92 -21.44
N ILE B 67 -7.52 -16.50 -20.26
CA ILE B 67 -6.41 -17.33 -19.75
C ILE B 67 -6.99 -18.39 -18.84
N ILE B 68 -6.46 -19.60 -18.95
CA ILE B 68 -6.91 -20.76 -18.15
C ILE B 68 -5.69 -21.42 -17.54
N ARG B 69 -5.63 -21.50 -16.22
CA ARG B 69 -4.59 -22.22 -15.48
C ARG B 69 -4.82 -23.73 -15.60
N TYR B 70 -3.75 -24.49 -15.72
CA TYR B 70 -3.78 -25.92 -16.04
C TYR B 70 -2.40 -26.49 -15.77
N PRO B 71 -2.20 -27.77 -15.37
CA PRO B 71 -3.22 -28.80 -15.06
C PRO B 71 -3.61 -28.89 -13.58
N GLY B 72 -3.07 -27.95 -12.80
CA GLY B 72 -3.37 -27.93 -11.35
C GLY B 72 -2.64 -26.77 -10.72
N GLY B 73 -2.93 -26.48 -9.47
CA GLY B 73 -3.79 -27.28 -8.60
C GLY B 73 -3.03 -28.41 -7.89
N ASN B 74 -3.66 -28.95 -6.86
CA ASN B 74 -3.06 -30.00 -6.03
C ASN B 74 -2.57 -31.17 -6.89
N PHE B 75 -3.28 -31.45 -7.97
CA PHE B 75 -2.89 -32.53 -8.91
C PHE B 75 -1.45 -32.40 -9.42
N VAL B 76 -1.02 -31.16 -9.76
CA VAL B 76 0.26 -30.99 -10.48
C VAL B 76 1.44 -31.43 -9.61
N SER B 77 1.28 -31.36 -8.28
CA SER B 77 2.43 -31.62 -7.41
C SER B 77 2.87 -33.08 -7.38
N GLY B 78 2.05 -33.99 -7.94
CA GLY B 78 2.42 -35.40 -8.06
C GLY B 78 2.44 -35.84 -9.52
N TYR B 79 2.35 -34.95 -10.50
CA TYR B 79 2.11 -35.27 -11.91
C TYR B 79 3.42 -35.27 -12.69
N ASN B 80 3.57 -36.23 -13.61
CA ASN B 80 4.70 -36.26 -14.57
C ASN B 80 4.20 -35.84 -15.95
N TRP B 81 4.63 -34.71 -16.47
CA TRP B 81 4.08 -34.21 -17.74
C TRP B 81 4.31 -35.20 -18.88
N GLU B 82 5.38 -35.98 -18.83
CA GLU B 82 5.68 -36.94 -19.92
C GLU B 82 4.59 -38.03 -19.99
N ASP B 83 3.92 -38.31 -18.89
CA ASP B 83 2.89 -39.33 -18.84
C ASP B 83 1.68 -38.96 -19.71
N GLY B 84 1.53 -37.68 -20.05
CA GLY B 84 0.39 -37.20 -20.82
C GLY B 84 0.69 -36.80 -22.23
N VAL B 85 1.87 -37.09 -22.74
CA VAL B 85 2.20 -36.77 -24.16
C VAL B 85 2.55 -38.03 -24.92
N GLY B 86 2.44 -37.91 -26.24
CA GLY B 86 2.80 -39.00 -27.16
C GLY B 86 1.69 -40.01 -27.31
N PRO B 87 1.97 -41.14 -27.98
CA PRO B 87 0.91 -42.08 -28.29
C PRO B 87 0.17 -42.56 -27.05
N LYS B 88 -1.14 -42.68 -27.18
CA LYS B 88 -2.01 -43.06 -26.04
C LYS B 88 -1.63 -44.43 -25.48
N GLU B 89 -1.17 -45.40 -26.27
CA GLU B 89 -0.90 -46.76 -25.74
C GLU B 89 0.25 -46.74 -24.73
N GLN B 90 1.16 -45.77 -24.83
CA GLN B 90 2.35 -45.68 -23.96
C GLN B 90 2.05 -44.80 -22.74
N ARG B 91 0.86 -44.18 -22.62
CA ARG B 91 0.58 -43.35 -21.45
C ARG B 91 0.15 -44.22 -20.30
N PRO B 92 0.82 -44.09 -19.14
CA PRO B 92 0.48 -44.93 -18.00
C PRO B 92 -0.75 -44.45 -17.24
N ARG B 93 -1.45 -45.40 -16.63
CA ARG B 93 -2.49 -45.05 -15.64
C ARG B 93 -1.80 -44.78 -14.32
N ARG B 94 -2.15 -43.68 -13.67
CA ARG B 94 -1.49 -43.25 -12.41
C ARG B 94 -2.51 -43.16 -11.29
N LEU B 95 -2.00 -43.31 -10.07
CA LEU B 95 -2.77 -42.93 -8.87
C LEU B 95 -2.52 -41.45 -8.61
N ASP B 96 -3.54 -40.64 -8.78
CA ASP B 96 -3.47 -39.21 -8.39
C ASP B 96 -3.72 -39.15 -6.89
N LEU B 97 -2.68 -38.82 -6.14
CA LEU B 97 -2.80 -38.78 -4.66
C LEU B 97 -3.52 -37.52 -4.19
N ALA B 98 -3.61 -36.49 -5.02
CA ALA B 98 -4.26 -35.26 -4.62
C ALA B 98 -5.74 -35.51 -4.39
N TRP B 99 -6.36 -36.19 -5.34
CA TRP B 99 -7.83 -36.38 -5.34
C TRP B 99 -8.20 -37.85 -5.22
N LYS B 100 -7.25 -38.71 -4.87
CA LYS B 100 -7.47 -40.15 -4.64
C LYS B 100 -8.25 -40.76 -5.82
N SER B 101 -7.79 -40.52 -7.03
CA SER B 101 -8.45 -40.91 -8.28
C SER B 101 -7.44 -41.63 -9.15
N VAL B 102 -7.92 -42.45 -10.06
CA VAL B 102 -7.05 -43.01 -11.09
C VAL B 102 -7.10 -42.04 -12.28
N GLU B 103 -5.94 -41.54 -12.69
CA GLU B 103 -5.74 -40.62 -13.82
C GLU B 103 -5.27 -41.48 -14.99
N THR B 104 -6.05 -41.49 -16.08
CA THR B 104 -5.70 -42.26 -17.27
C THR B 104 -4.72 -41.54 -18.18
N ASN B 105 -4.57 -40.24 -18.04
CA ASN B 105 -3.72 -39.43 -18.93
C ASN B 105 -4.18 -39.49 -20.38
N GLU B 106 -5.45 -39.82 -20.64
CA GLU B 106 -6.02 -39.76 -21.98
C GLU B 106 -5.94 -38.32 -22.52
N ILE B 107 -6.13 -37.34 -21.63
CA ILE B 107 -5.85 -35.93 -21.93
C ILE B 107 -4.55 -35.57 -21.25
N GLY B 108 -3.66 -35.01 -22.02
CA GLY B 108 -2.47 -34.37 -21.50
C GLY B 108 -2.25 -33.02 -22.15
N LEU B 109 -1.05 -32.48 -22.02
CA LEU B 109 -0.92 -31.03 -22.24
C LEU B 109 -1.22 -30.67 -23.71
N ASN B 110 -0.82 -31.50 -24.66
CA ASN B 110 -1.05 -31.07 -26.04
C ASN B 110 -2.53 -31.07 -26.41
N GLU B 111 -3.30 -32.07 -25.91
CA GLU B 111 -4.74 -32.02 -26.14
C GLU B 111 -5.37 -30.83 -25.42
N PHE B 112 -4.87 -30.49 -24.24
CA PHE B 112 -5.46 -29.33 -23.55
C PHE B 112 -5.19 -28.05 -24.37
N MET B 113 -4.00 -27.92 -24.93
CA MET B 113 -3.69 -26.76 -25.77
C MET B 113 -4.64 -26.73 -26.98
N ASP B 114 -4.97 -27.90 -27.54
CA ASP B 114 -5.96 -27.92 -28.64
C ASP B 114 -7.30 -27.39 -28.18
N TRP B 115 -7.78 -27.78 -27.00
CA TRP B 115 -9.05 -27.30 -26.46
C TRP B 115 -8.99 -25.80 -26.19
N ALA B 116 -7.91 -25.32 -25.60
CA ALA B 116 -7.78 -23.90 -25.26
C ALA B 116 -7.89 -23.08 -26.55
N LYS B 117 -7.27 -23.52 -27.63
CA LYS B 117 -7.38 -22.82 -28.92
C LYS B 117 -8.84 -22.69 -29.36
N MET B 118 -9.64 -23.71 -29.13
CA MET B 118 -11.05 -23.72 -29.59
CA MET B 118 -11.06 -23.74 -29.58
C MET B 118 -11.87 -22.71 -28.78
N VAL B 119 -11.46 -22.41 -27.56
CA VAL B 119 -12.22 -21.44 -26.71
C VAL B 119 -11.58 -20.06 -26.70
N GLY B 120 -10.46 -19.88 -27.40
CA GLY B 120 -9.83 -18.55 -27.48
C GLY B 120 -9.00 -18.17 -26.28
N ALA B 121 -8.60 -19.10 -25.45
CA ALA B 121 -7.84 -18.83 -24.22
C ALA B 121 -6.38 -19.18 -24.41
N GLU B 122 -5.49 -18.37 -23.80
CA GLU B 122 -4.14 -18.81 -23.49
C GLU B 122 -4.14 -19.69 -22.24
N VAL B 123 -3.02 -20.39 -22.07
CA VAL B 123 -2.90 -21.32 -20.94
C VAL B 123 -1.83 -20.80 -19.97
N ASN B 124 -2.19 -20.80 -18.70
CA ASN B 124 -1.24 -20.55 -17.61
C ASN B 124 -0.76 -21.89 -17.11
N MET B 125 0.34 -22.37 -17.64
CA MET B 125 0.77 -23.76 -17.40
C MET B 125 1.54 -23.85 -16.09
N ALA B 126 1.23 -24.86 -15.31
CA ALA B 126 1.95 -25.11 -14.05
C ALA B 126 3.00 -26.22 -14.22
N VAL B 127 4.12 -26.07 -13.53
CA VAL B 127 5.16 -27.09 -13.40
C VAL B 127 5.04 -27.74 -12.01
N ASN B 128 5.34 -29.03 -11.92
CA ASN B 128 5.41 -29.79 -10.68
C ASN B 128 6.66 -29.40 -9.88
N LEU B 129 6.49 -28.84 -8.70
CA LEU B 129 7.61 -28.63 -7.76
C LEU B 129 7.34 -29.34 -6.43
N GLY B 130 6.55 -30.42 -6.48
CA GLY B 130 6.27 -31.30 -5.36
C GLY B 130 7.19 -32.50 -5.38
N THR B 131 6.90 -33.43 -6.27
CA THR B 131 7.78 -34.60 -6.49
C THR B 131 8.89 -34.36 -7.50
N ARG B 132 8.86 -33.23 -8.24
CA ARG B 132 9.85 -32.91 -9.26
C ARG B 132 10.46 -31.54 -9.01
N GLY B 133 11.38 -31.16 -9.87
CA GLY B 133 12.17 -29.95 -9.61
C GLY B 133 12.66 -29.29 -10.89
N ILE B 134 13.90 -28.81 -10.84
CA ILE B 134 14.34 -27.85 -11.83
C ILE B 134 14.57 -28.50 -13.20
N ASP B 135 14.98 -29.77 -13.25
CA ASP B 135 15.25 -30.42 -14.57
C ASP B 135 13.92 -30.54 -15.32
N ALA B 136 12.90 -31.05 -14.62
CA ALA B 136 11.60 -31.24 -15.30
C ALA B 136 11.05 -29.89 -15.73
N ALA B 137 11.28 -28.82 -14.98
CA ALA B 137 10.78 -27.49 -15.31
C ALA B 137 11.39 -26.98 -16.63
N ARG B 138 12.70 -27.03 -16.73
CA ARG B 138 13.34 -26.57 -17.96
C ARG B 138 12.86 -27.45 -19.12
N ASN B 139 12.79 -28.78 -18.91
CA ASN B 139 12.45 -29.66 -20.04
C ASN B 139 11.05 -29.36 -20.54
N LEU B 140 10.11 -29.11 -19.64
CA LEU B 140 8.73 -28.82 -20.09
C LEU B 140 8.67 -27.48 -20.86
N VAL B 141 9.38 -26.45 -20.38
CA VAL B 141 9.40 -25.18 -21.12
C VAL B 141 10.03 -25.44 -22.51
N GLU B 142 11.08 -26.22 -22.60
CA GLU B 142 11.72 -26.50 -23.90
C GLU B 142 10.72 -27.24 -24.81
N TYR B 143 10.10 -28.27 -24.31
CA TYR B 143 9.11 -29.08 -25.05
C TYR B 143 8.00 -28.18 -25.58
N CYS B 144 7.50 -27.27 -24.77
CA CYS B 144 6.38 -26.43 -25.18
C CYS B 144 6.79 -25.26 -26.08
N ASN B 145 7.95 -24.65 -25.83
CA ASN B 145 8.23 -23.31 -26.35
C ASN B 145 9.42 -23.26 -27.32
N HIS B 146 10.37 -24.19 -27.22
CA HIS B 146 11.51 -24.08 -28.12
C HIS B 146 11.09 -24.57 -29.49
N PRO B 147 11.52 -23.89 -30.58
CA PRO B 147 10.94 -24.23 -31.87
C PRO B 147 11.29 -25.64 -32.38
N SER B 148 12.56 -25.97 -32.42
CA SER B 148 13.06 -27.22 -33.01
C SER B 148 14.55 -27.36 -32.73
N GLY B 149 15.10 -28.50 -33.12
CA GLY B 149 16.57 -28.67 -33.08
C GLY B 149 17.13 -29.09 -31.74
N SER B 150 16.29 -29.51 -30.81
CA SER B 150 16.75 -30.12 -29.54
C SER B 150 15.88 -31.36 -29.31
N TYR B 151 16.28 -32.23 -28.42
CA TYR B 151 15.55 -33.47 -28.18
C TYR B 151 14.09 -33.12 -27.80
N TYR B 152 13.82 -32.25 -26.83
CA TYR B 152 12.43 -32.08 -26.38
C TYR B 152 11.61 -31.29 -27.40
N SER B 153 12.22 -30.31 -28.09
CA SER B 153 11.41 -29.58 -29.10
C SER B 153 11.07 -30.53 -30.25
N ASP B 154 12.02 -31.33 -30.69
CA ASP B 154 11.77 -32.26 -31.79
C ASP B 154 10.78 -33.31 -31.33
N LEU B 155 10.77 -33.65 -30.06
CA LEU B 155 9.78 -34.63 -29.53
C LEU B 155 8.36 -34.08 -29.62
N ARG B 156 8.16 -32.81 -29.26
CA ARG B 156 6.86 -32.18 -29.45
C ARG B 156 6.43 -32.22 -30.91
N ILE B 157 7.36 -31.95 -31.83
CA ILE B 157 7.06 -32.06 -33.28
C ILE B 157 6.66 -33.51 -33.60
N ALA B 158 7.37 -34.52 -33.13
CA ALA B 158 7.06 -35.93 -33.45
C ALA B 158 5.69 -36.31 -32.88
N HIS B 159 5.29 -35.68 -31.78
CA HIS B 159 3.96 -35.86 -31.13
C HIS B 159 2.81 -35.18 -31.86
N GLY B 160 3.12 -34.50 -32.95
CA GLY B 160 2.11 -33.92 -33.87
C GLY B 160 1.91 -32.42 -33.77
N TYR B 161 2.82 -31.68 -33.10
CA TYR B 161 2.64 -30.25 -32.76
C TYR B 161 3.85 -29.52 -33.29
N LYS B 162 3.86 -29.24 -34.57
CA LYS B 162 5.03 -28.66 -35.28
C LYS B 162 5.36 -27.30 -34.66
N GLU B 163 4.39 -26.42 -34.57
CA GLU B 163 4.65 -25.08 -34.04
C GLU B 163 4.66 -25.17 -32.51
N PRO B 164 5.57 -24.45 -31.85
CA PRO B 164 5.58 -24.45 -30.41
C PRO B 164 4.30 -23.82 -29.87
N HIS B 165 3.92 -24.26 -28.67
CA HIS B 165 2.80 -23.68 -27.96
C HIS B 165 3.04 -22.23 -27.54
N LYS B 166 4.27 -21.82 -27.27
CA LYS B 166 4.61 -20.40 -26.96
C LYS B 166 3.75 -19.93 -25.76
N ILE B 167 3.82 -20.71 -24.71
CA ILE B 167 3.09 -20.39 -23.44
C ILE B 167 3.83 -19.24 -22.75
N LYS B 168 3.08 -18.16 -22.42
CA LYS B 168 3.66 -16.96 -21.84
C LYS B 168 3.81 -17.08 -20.33
N THR B 169 2.77 -17.49 -19.62
CA THR B 169 2.71 -17.32 -18.15
C THR B 169 2.68 -18.68 -17.47
N TRP B 170 3.61 -18.95 -16.57
CA TRP B 170 3.82 -20.26 -15.95
C TRP B 170 3.67 -20.11 -14.44
N CYS B 171 3.11 -21.13 -13.81
CA CYS B 171 3.07 -21.24 -12.36
C CYS B 171 4.18 -22.12 -11.86
N LEU B 172 4.93 -21.65 -10.85
CA LEU B 172 6.02 -22.40 -10.21
C LEU B 172 5.41 -23.31 -9.16
N GLY B 173 4.96 -24.47 -9.55
CA GLY B 173 4.30 -25.34 -8.63
C GLY B 173 2.87 -24.96 -8.37
N ASN B 174 2.35 -25.55 -7.33
CA ASN B 174 1.05 -25.25 -6.72
C ASN B 174 1.33 -24.96 -5.27
N GLU B 175 0.43 -24.27 -4.60
CA GLU B 175 0.50 -23.94 -3.16
CA GLU B 175 0.39 -23.98 -3.15
C GLU B 175 1.07 -25.16 -2.46
N MET B 176 2.24 -24.94 -1.94
CA MET B 176 3.13 -26.00 -1.36
CA MET B 176 3.14 -25.96 -1.38
C MET B 176 3.12 -25.90 0.17
N ASP B 177 2.44 -24.91 0.74
CA ASP B 177 2.55 -24.66 2.20
C ASP B 177 1.67 -25.55 3.07
N GLY B 178 0.75 -26.28 2.46
CA GLY B 178 -0.17 -27.02 3.28
C GLY B 178 0.31 -28.45 3.58
N PRO B 179 0.06 -28.94 4.79
CA PRO B 179 0.43 -30.30 5.16
C PRO B 179 -0.30 -31.36 4.35
N TRP B 180 -1.39 -31.03 3.65
CA TRP B 180 -2.16 -31.96 2.81
C TRP B 180 -1.68 -31.96 1.34
N GLN B 181 -0.64 -31.21 1.01
CA GLN B 181 -0.04 -31.09 -0.35
CA GLN B 181 -0.13 -31.15 -0.36
C GLN B 181 0.97 -32.20 -0.58
N ILE B 182 0.99 -32.74 -1.79
CA ILE B 182 2.06 -33.67 -2.19
C ILE B 182 3.38 -32.86 -2.25
N GLY B 183 4.42 -33.34 -1.60
CA GLY B 183 5.71 -32.66 -1.63
C GLY B 183 5.63 -31.27 -1.02
N HIS B 184 4.86 -31.11 0.04
CA HIS B 184 4.92 -29.89 0.88
C HIS B 184 6.36 -29.41 1.06
N LYS B 185 6.51 -28.11 0.97
CA LYS B 185 7.79 -27.44 1.24
C LYS B 185 7.52 -26.30 2.21
N THR B 186 8.51 -26.06 3.07
CA THR B 186 8.53 -24.81 3.85
C THR B 186 8.72 -23.66 2.93
N ALA B 187 8.58 -22.45 3.46
CA ALA B 187 8.72 -21.24 2.64
C ALA B 187 10.16 -21.17 2.10
N VAL B 188 11.16 -21.52 2.92
CA VAL B 188 12.55 -21.50 2.46
C VAL B 188 12.74 -22.58 1.37
N GLU B 189 12.33 -23.79 1.65
CA GLU B 189 12.52 -24.89 0.66
C GLU B 189 11.82 -24.52 -0.65
N TYR B 190 10.59 -24.03 -0.58
CA TYR B 190 9.86 -23.64 -1.79
C TYR B 190 10.54 -22.47 -2.46
N GLY B 191 10.85 -21.42 -1.70
CA GLY B 191 11.51 -20.25 -2.27
C GLY B 191 12.78 -20.63 -3.04
N ARG B 192 13.58 -21.53 -2.46
CA ARG B 192 14.82 -21.95 -3.10
C ARG B 192 14.51 -22.71 -4.42
N ILE B 193 13.64 -23.72 -4.36
CA ILE B 193 13.42 -24.51 -5.60
C ILE B 193 12.71 -23.67 -6.63
N ALA B 194 11.81 -22.78 -6.24
CA ALA B 194 11.14 -21.89 -7.19
C ALA B 194 12.16 -20.96 -7.85
N CYS B 195 13.10 -20.43 -7.08
CA CYS B 195 14.15 -19.56 -7.63
C CYS B 195 14.90 -20.32 -8.72
N GLU B 196 15.39 -21.50 -8.37
CA GLU B 196 16.25 -22.23 -9.32
C GLU B 196 15.43 -22.72 -10.52
N ALA B 197 14.18 -23.08 -10.36
CA ALA B 197 13.31 -23.46 -11.48
C ALA B 197 13.06 -22.26 -12.35
N ALA B 198 12.73 -21.12 -11.75
CA ALA B 198 12.45 -19.89 -12.49
C ALA B 198 13.62 -19.54 -13.41
N LYS B 199 14.83 -19.63 -12.88
CA LYS B 199 16.03 -19.30 -13.67
C LYS B 199 16.13 -20.17 -14.92
N VAL B 200 16.07 -21.49 -14.75
CA VAL B 200 16.27 -22.37 -15.92
C VAL B 200 15.13 -22.23 -16.91
N MET B 201 13.91 -22.04 -16.45
CA MET B 201 12.77 -21.81 -17.35
C MET B 201 13.02 -20.57 -18.20
N LYS B 202 13.41 -19.46 -17.57
CA LYS B 202 13.68 -18.22 -18.31
C LYS B 202 14.91 -18.32 -19.20
N TRP B 203 15.91 -19.15 -18.86
CA TRP B 203 17.06 -19.35 -19.76
C TRP B 203 16.60 -20.14 -20.99
N VAL B 204 15.63 -21.04 -20.87
CA VAL B 204 15.08 -21.68 -22.07
C VAL B 204 14.36 -20.62 -22.92
N ASP B 205 13.50 -19.85 -22.30
CA ASP B 205 12.64 -18.90 -23.00
C ASP B 205 12.50 -17.59 -22.22
N PRO B 206 13.32 -16.55 -22.50
CA PRO B 206 13.24 -15.36 -21.66
C PRO B 206 11.97 -14.53 -21.83
N THR B 207 11.11 -14.90 -22.79
CA THR B 207 9.84 -14.19 -23.00
C THR B 207 8.81 -14.56 -21.95
N ILE B 208 9.01 -15.63 -21.19
CA ILE B 208 7.97 -16.06 -20.25
C ILE B 208 7.90 -15.13 -19.05
N GLU B 209 6.78 -15.29 -18.35
CA GLU B 209 6.48 -14.69 -17.04
CA GLU B 209 6.67 -14.71 -17.02
C GLU B 209 6.25 -15.81 -16.05
N LEU B 210 6.52 -15.58 -14.78
CA LEU B 210 6.39 -16.58 -13.72
C LEU B 210 5.55 -16.09 -12.55
N VAL B 211 4.70 -16.98 -12.08
CA VAL B 211 3.90 -16.82 -10.86
C VAL B 211 4.50 -17.69 -9.78
N VAL B 212 4.86 -17.08 -8.68
CA VAL B 212 5.29 -17.82 -7.49
C VAL B 212 4.08 -18.01 -6.58
N CYS B 213 3.95 -19.15 -5.93
CA CYS B 213 2.72 -19.49 -5.21
CA CYS B 213 2.69 -19.48 -5.20
C CYS B 213 2.68 -18.87 -3.80
N GLY B 214 1.60 -18.18 -3.51
CA GLY B 214 1.28 -17.74 -2.15
C GLY B 214 0.64 -18.82 -1.31
N SER B 215 0.23 -18.42 -0.11
CA SER B 215 -0.39 -19.33 0.87
C SER B 215 -1.64 -20.01 0.32
N SER B 216 -1.93 -21.19 0.85
CA SER B 216 -3.15 -21.89 0.43
CA SER B 216 -3.16 -21.92 0.52
C SER B 216 -4.39 -21.08 0.86
N ASN B 217 -4.35 -20.37 1.98
CA ASN B 217 -5.43 -19.51 2.43
C ASN B 217 -4.89 -18.52 3.45
N ARG B 218 -5.70 -17.49 3.69
CA ARG B 218 -5.39 -16.36 4.62
C ARG B 218 -5.29 -16.90 6.06
N ASN B 219 -5.87 -18.05 6.37
CA ASN B 219 -5.94 -18.61 7.74
C ASN B 219 -4.75 -19.52 8.05
N MET B 220 -3.84 -19.73 7.10
CA MET B 220 -2.71 -20.60 7.38
C MET B 220 -1.88 -20.03 8.52
N PRO B 221 -1.26 -20.88 9.38
CA PRO B 221 -0.36 -20.35 10.42
C PRO B 221 0.83 -19.55 9.86
N THR B 222 1.24 -19.91 8.64
CA THR B 222 2.38 -19.29 7.93
C THR B 222 1.94 -18.15 7.01
N PHE B 223 0.65 -17.75 7.02
CA PHE B 223 0.22 -16.65 6.13
C PHE B 223 1.06 -15.40 6.37
N ALA B 224 1.43 -14.75 5.28
CA ALA B 224 2.16 -13.47 5.21
C ALA B 224 3.64 -13.75 5.38
N GLU B 225 4.05 -14.43 6.44
CA GLU B 225 5.42 -14.91 6.59
C GLU B 225 5.86 -15.68 5.33
N TRP B 226 4.99 -16.55 4.84
CA TRP B 226 5.25 -17.36 3.64
C TRP B 226 5.60 -16.49 2.46
N GLU B 227 4.70 -15.59 2.13
CA GLU B 227 4.89 -14.74 0.95
C GLU B 227 6.16 -13.92 1.06
N ALA B 228 6.43 -13.35 2.24
CA ALA B 228 7.62 -12.53 2.43
C ALA B 228 8.89 -13.39 2.18
N THR B 229 8.94 -14.59 2.75
CA THR B 229 10.11 -15.46 2.55
C THR B 229 10.22 -15.92 1.11
N VAL B 230 9.12 -16.34 0.52
CA VAL B 230 9.17 -16.83 -0.88
C VAL B 230 9.64 -15.71 -1.77
N LEU B 231 9.10 -14.51 -1.62
CA LEU B 231 9.55 -13.39 -2.46
C LEU B 231 11.00 -13.04 -2.17
N ASP B 232 11.45 -13.13 -0.94
CA ASP B 232 12.86 -12.84 -0.66
C ASP B 232 13.79 -13.76 -1.47
N HIS B 233 13.36 -14.99 -1.68
CA HIS B 233 14.14 -15.97 -2.44
C HIS B 233 13.99 -15.83 -3.94
N THR B 234 12.90 -15.28 -4.44
CA THR B 234 12.57 -15.37 -5.88
C THR B 234 12.41 -14.02 -6.57
N TYR B 235 12.40 -12.89 -5.84
CA TYR B 235 11.94 -11.60 -6.41
C TYR B 235 12.53 -11.30 -7.81
N ASP B 236 13.85 -11.38 -7.96
CA ASP B 236 14.52 -10.98 -9.19
C ASP B 236 14.15 -11.85 -10.39
N HIS B 237 13.57 -13.01 -10.14
CA HIS B 237 13.32 -13.99 -11.20
C HIS B 237 11.85 -14.16 -11.55
N VAL B 238 10.91 -13.58 -10.80
CA VAL B 238 9.49 -13.83 -11.00
C VAL B 238 8.71 -12.54 -11.19
N ASP B 239 7.44 -12.66 -11.56
CA ASP B 239 6.61 -11.54 -12.03
C ASP B 239 5.34 -11.32 -11.19
N TYR B 240 4.82 -12.35 -10.59
CA TYR B 240 3.58 -12.32 -9.82
C TYR B 240 3.73 -13.20 -8.58
N ILE B 241 2.96 -12.85 -7.56
CA ILE B 241 2.71 -13.69 -6.39
C ILE B 241 1.22 -14.03 -6.39
N SER B 242 0.87 -15.29 -6.07
CA SER B 242 -0.52 -15.70 -6.09
C SER B 242 -1.19 -15.58 -4.71
N LEU B 243 -2.52 -15.52 -4.73
CA LEU B 243 -3.37 -15.54 -3.53
C LEU B 243 -4.65 -16.27 -3.86
N HIS B 244 -5.25 -16.84 -2.82
CA HIS B 244 -6.35 -17.79 -2.97
C HIS B 244 -7.44 -17.54 -1.94
N GLN B 245 -8.69 -17.59 -2.35
CA GLN B 245 -9.80 -17.37 -1.41
C GLN B 245 -11.07 -18.09 -1.87
N TYR B 246 -11.67 -18.83 -0.95
CA TYR B 246 -13.02 -19.36 -1.09
C TYR B 246 -13.91 -18.85 0.04
N TYR B 247 -15.15 -18.66 -0.29
CA TYR B 247 -16.17 -18.24 0.69
C TYR B 247 -17.34 -19.20 0.69
N GLY B 248 -18.05 -19.24 1.83
CA GLY B 248 -19.27 -20.04 1.97
C GLY B 248 -20.20 -19.45 2.97
N ASN B 249 -21.43 -19.90 2.93
CA ASN B 249 -22.49 -19.43 3.85
C ASN B 249 -22.93 -20.60 4.74
N ARG B 250 -22.04 -21.10 5.58
CA ARG B 250 -22.35 -22.32 6.39
C ARG B 250 -23.31 -21.97 7.54
N ASP B 251 -23.39 -20.70 7.92
CA ASP B 251 -24.13 -20.12 9.07
C ASP B 251 -25.54 -19.71 8.62
N ASN B 252 -25.87 -19.72 7.32
CA ASN B 252 -27.14 -19.18 6.76
C ASN B 252 -27.35 -17.75 7.29
N ASP B 253 -26.35 -16.89 7.07
CA ASP B 253 -26.33 -15.46 7.45
C ASP B 253 -26.02 -14.63 6.22
N THR B 254 -27.04 -14.32 5.42
CA THR B 254 -26.90 -13.60 4.13
C THR B 254 -26.19 -12.26 4.33
N ALA B 255 -26.57 -11.49 5.36
CA ALA B 255 -26.00 -10.15 5.53
C ALA B 255 -24.48 -10.25 5.78
N ASN B 256 -24.06 -11.19 6.61
CA ASN B 256 -22.63 -11.39 6.93
C ASN B 256 -21.92 -11.96 5.68
N TYR B 257 -22.57 -12.84 4.95
CA TYR B 257 -22.00 -13.53 3.78
C TYR B 257 -21.67 -12.50 2.70
N LEU B 258 -22.59 -11.60 2.41
CA LEU B 258 -22.37 -10.62 1.32
C LEU B 258 -21.30 -9.60 1.71
N ALA B 259 -21.00 -9.46 3.00
CA ALA B 259 -19.95 -8.55 3.46
C ALA B 259 -18.54 -9.13 3.20
N LEU B 260 -18.43 -10.40 2.82
CA LEU B 260 -17.10 -11.06 2.81
C LEU B 260 -16.14 -10.42 1.81
N SER B 261 -16.64 -9.75 0.78
CA SER B 261 -15.73 -9.11 -0.17
C SER B 261 -14.89 -8.03 0.53
N LEU B 262 -15.37 -7.46 1.64
CA LEU B 262 -14.55 -6.47 2.39
C LEU B 262 -13.26 -7.14 2.90
N GLU B 263 -13.36 -8.42 3.28
CA GLU B 263 -12.19 -9.19 3.73
C GLU B 263 -11.27 -9.43 2.51
N MET B 264 -11.87 -9.78 1.39
CA MET B 264 -11.08 -9.95 0.13
C MET B 264 -10.28 -8.69 -0.21
N ASP B 265 -10.90 -7.54 -0.01
CA ASP B 265 -10.27 -6.25 -0.30
C ASP B 265 -9.03 -6.12 0.61
N ASP B 266 -9.19 -6.33 1.90
CA ASP B 266 -8.02 -6.14 2.79
CA ASP B 266 -8.11 -6.27 2.91
C ASP B 266 -6.98 -7.24 2.53
N PHE B 267 -7.39 -8.43 2.15
CA PHE B 267 -6.46 -9.52 1.81
C PHE B 267 -5.57 -9.09 0.66
N ILE B 268 -6.18 -8.60 -0.41
CA ILE B 268 -5.38 -8.09 -1.55
C ILE B 268 -4.41 -6.99 -1.08
N ARG B 269 -4.87 -6.04 -0.31
CA ARG B 269 -3.97 -4.95 0.13
C ARG B 269 -2.80 -5.52 0.94
N SER B 270 -3.05 -6.57 1.74
CA SER B 270 -1.99 -7.18 2.53
C SER B 270 -0.92 -7.83 1.64
N VAL B 271 -1.35 -8.55 0.59
CA VAL B 271 -0.35 -9.24 -0.28
C VAL B 271 0.41 -8.22 -1.12
N VAL B 272 -0.26 -7.15 -1.54
CA VAL B 272 0.43 -6.02 -2.21
C VAL B 272 1.53 -5.48 -1.29
N ALA B 273 1.20 -5.27 -0.03
CA ALA B 273 2.15 -4.72 0.94
C ALA B 273 3.38 -5.61 1.04
N ILE B 274 3.16 -6.93 1.08
CA ILE B 274 4.31 -7.86 1.20
C ILE B 274 5.22 -7.73 -0.03
N ALA B 275 4.62 -7.68 -1.21
CA ALA B 275 5.42 -7.51 -2.45
C ALA B 275 6.24 -6.22 -2.36
N ASP B 276 5.62 -5.12 -1.89
CA ASP B 276 6.29 -3.83 -1.83
C ASP B 276 7.34 -3.79 -0.72
N TYR B 277 7.13 -4.53 0.37
CA TYR B 277 8.20 -4.72 1.37
C TYR B 277 9.42 -5.32 0.70
N VAL B 278 9.23 -6.48 0.06
CA VAL B 278 10.43 -7.19 -0.48
C VAL B 278 11.06 -6.34 -1.60
N LYS B 279 10.26 -5.62 -2.37
CA LYS B 279 10.80 -4.70 -3.38
CA LYS B 279 10.79 -4.69 -3.38
C LYS B 279 11.81 -3.78 -2.71
N ALA B 280 11.39 -3.15 -1.62
CA ALA B 280 12.24 -2.21 -0.89
C ALA B 280 13.50 -2.86 -0.33
N LYS B 281 13.31 -4.05 0.24
CA LYS B 281 14.44 -4.84 0.82
CA LYS B 281 14.45 -4.80 0.82
C LYS B 281 15.50 -5.08 -0.27
N LYS B 282 15.07 -5.42 -1.47
CA LYS B 282 15.96 -5.73 -2.61
C LYS B 282 16.47 -4.49 -3.35
N ARG B 283 15.88 -3.36 -3.09
CA ARG B 283 16.14 -2.12 -3.89
C ARG B 283 15.86 -2.40 -5.34
N SER B 284 14.83 -3.15 -5.60
CA SER B 284 14.43 -3.45 -6.99
C SER B 284 13.60 -2.32 -7.60
N LYS B 285 13.79 -2.09 -8.90
CA LYS B 285 12.93 -1.19 -9.68
C LYS B 285 11.70 -1.89 -10.20
N LYS B 286 11.65 -3.21 -10.09
CA LYS B 286 10.53 -4.00 -10.63
C LYS B 286 9.44 -4.10 -9.58
N THR B 287 8.21 -3.88 -10.01
CA THR B 287 7.00 -4.09 -9.18
C THR B 287 6.45 -5.50 -9.47
N ILE B 288 6.21 -6.28 -8.44
CA ILE B 288 5.58 -7.61 -8.53
C ILE B 288 4.09 -7.41 -8.37
N HIS B 289 3.31 -8.04 -9.22
CA HIS B 289 1.84 -7.97 -9.17
C HIS B 289 1.25 -9.28 -8.67
N LEU B 290 -0.07 -9.28 -8.56
CA LEU B 290 -0.80 -10.40 -7.95
C LEU B 290 -1.54 -11.21 -9.02
N SER B 291 -1.53 -12.50 -8.79
CA SER B 291 -2.36 -13.48 -9.53
C SER B 291 -3.35 -14.09 -8.55
N PHE B 292 -4.60 -13.69 -8.62
CA PHE B 292 -5.63 -14.19 -7.68
C PHE B 292 -6.15 -15.50 -8.31
N ASP B 293 -5.32 -16.52 -8.27
CA ASP B 293 -5.47 -17.68 -9.17
C ASP B 293 -6.30 -18.82 -8.59
N GLU B 294 -6.93 -18.59 -7.44
CA GLU B 294 -8.12 -19.33 -7.06
C GLU B 294 -9.08 -18.41 -6.36
N TRP B 295 -10.25 -18.24 -6.88
CA TRP B 295 -11.33 -17.56 -6.12
C TRP B 295 -12.67 -18.11 -6.55
N ASN B 296 -13.57 -18.27 -5.58
CA ASN B 296 -14.97 -18.65 -5.86
C ASN B 296 -15.70 -18.72 -4.52
N VAL B 297 -17.00 -19.00 -4.62
CA VAL B 297 -17.78 -19.62 -3.53
C VAL B 297 -17.54 -21.13 -3.58
N TRP B 298 -17.35 -21.77 -2.44
CA TRP B 298 -17.25 -23.24 -2.37
C TRP B 298 -17.70 -23.70 -0.99
N TYR B 299 -18.79 -24.44 -0.93
CA TYR B 299 -19.16 -25.14 0.31
C TYR B 299 -20.27 -26.15 0.19
N HIS B 300 -21.11 -26.03 -0.82
CA HIS B 300 -22.36 -26.84 -0.87
C HIS B 300 -22.05 -28.34 -0.99
N SER B 301 -20.98 -28.75 -1.69
CA SER B 301 -20.77 -30.16 -2.02
C SER B 301 -19.95 -30.91 -0.97
N ASN B 302 -19.62 -30.26 0.15
CA ASN B 302 -18.66 -30.87 1.08
C ASN B 302 -19.12 -32.24 1.59
N GLU B 303 -20.37 -32.41 1.98
CA GLU B 303 -20.86 -33.71 2.50
C GLU B 303 -20.90 -34.78 1.38
N ALA B 304 -21.32 -34.42 0.17
CA ALA B 304 -21.42 -35.39 -0.94
C ALA B 304 -20.03 -35.97 -1.21
N ASP B 305 -19.02 -35.13 -1.17
CA ASP B 305 -17.66 -35.56 -1.50
C ASP B 305 -17.21 -36.65 -0.56
N LYS B 306 -17.65 -36.65 0.69
CA LYS B 306 -17.18 -37.63 1.70
C LYS B 306 -17.66 -39.04 1.31
N LEU B 307 -18.64 -39.20 0.43
CA LEU B 307 -19.19 -40.54 0.07
C LEU B 307 -18.42 -41.18 -1.07
N ILE B 308 -17.55 -40.44 -1.75
CA ILE B 308 -16.85 -40.90 -2.96
C ILE B 308 -15.75 -41.90 -2.57
N GLU B 309 -15.79 -43.13 -3.08
CA GLU B 309 -14.76 -44.13 -2.84
C GLU B 309 -13.48 -43.78 -3.61
N PRO B 310 -12.28 -44.11 -3.09
CA PRO B 310 -11.05 -43.82 -3.79
C PRO B 310 -10.84 -44.70 -5.03
N TRP B 311 -10.07 -44.17 -5.94
CA TRP B 311 -9.50 -44.90 -7.12
C TRP B 311 -10.54 -45.17 -8.18
N THR B 312 -11.51 -44.27 -8.27
CA THR B 312 -12.35 -44.22 -9.47
C THR B 312 -11.73 -43.28 -10.49
N VAL B 313 -12.26 -43.36 -11.68
CA VAL B 313 -11.95 -42.47 -12.80
C VAL B 313 -13.01 -41.41 -12.78
N ALA B 314 -12.59 -40.17 -12.80
CA ALA B 314 -13.48 -38.97 -12.95
C ALA B 314 -14.65 -39.04 -11.96
N PRO B 315 -14.37 -39.10 -10.64
CA PRO B 315 -15.47 -39.00 -9.68
C PRO B 315 -16.10 -37.63 -9.68
N PRO B 316 -17.38 -37.55 -9.24
CA PRO B 316 -18.11 -36.27 -9.24
C PRO B 316 -17.82 -35.42 -8.01
N LEU B 317 -16.57 -34.97 -7.94
CA LEU B 317 -16.02 -34.20 -6.80
C LEU B 317 -16.33 -32.72 -6.98
N LEU B 318 -16.50 -32.03 -5.85
CA LEU B 318 -16.54 -30.55 -5.77
C LEU B 318 -17.68 -29.96 -6.62
N GLU B 319 -18.77 -30.71 -6.78
CA GLU B 319 -19.88 -30.27 -7.65
C GLU B 319 -20.87 -29.40 -6.87
N ASP B 320 -20.43 -28.22 -6.46
CA ASP B 320 -21.36 -27.25 -5.85
C ASP B 320 -22.44 -26.90 -6.89
N ILE B 321 -23.67 -26.77 -6.37
CA ILE B 321 -24.82 -26.20 -7.11
C ILE B 321 -25.08 -24.81 -6.49
N TYR B 322 -24.81 -23.77 -7.23
CA TYR B 322 -24.87 -22.39 -6.74
C TYR B 322 -26.27 -21.86 -6.71
N ASN B 323 -26.48 -20.95 -5.75
CA ASN B 323 -27.76 -20.26 -5.62
C ASN B 323 -27.61 -18.75 -5.90
N PHE B 324 -28.72 -18.05 -5.75
CA PHE B 324 -28.74 -16.62 -6.13
C PHE B 324 -27.80 -15.80 -5.24
N GLU B 325 -27.84 -16.01 -3.93
CA GLU B 325 -26.91 -15.20 -3.09
C GLU B 325 -25.46 -15.49 -3.42
N ASP B 326 -25.15 -16.71 -3.85
CA ASP B 326 -23.77 -17.01 -4.29
C ASP B 326 -23.42 -16.10 -5.48
N ALA B 327 -24.33 -15.92 -6.43
CA ALA B 327 -24.09 -15.00 -7.55
C ALA B 327 -23.85 -13.58 -7.07
N LEU B 328 -24.59 -13.13 -6.07
CA LEU B 328 -24.34 -11.77 -5.55
C LEU B 328 -22.95 -11.65 -4.95
N LEU B 329 -22.50 -12.65 -4.19
CA LEU B 329 -21.14 -12.57 -3.64
C LEU B 329 -20.10 -12.63 -4.75
N VAL B 330 -20.27 -13.52 -5.74
CA VAL B 330 -19.34 -13.55 -6.88
C VAL B 330 -19.28 -12.15 -7.51
N GLY B 331 -20.43 -11.50 -7.69
CA GLY B 331 -20.46 -10.13 -8.20
C GLY B 331 -19.61 -9.18 -7.37
N CYS B 332 -19.76 -9.24 -6.06
CA CYS B 332 -18.95 -8.39 -5.15
C CYS B 332 -17.46 -8.71 -5.27
N MET B 333 -17.11 -9.99 -5.44
CA MET B 333 -15.70 -10.40 -5.58
C MET B 333 -15.16 -9.82 -6.91
N LEU B 334 -15.95 -9.85 -7.98
CA LEU B 334 -15.50 -9.30 -9.27
C LEU B 334 -15.25 -7.80 -9.14
N ILE B 335 -16.18 -7.09 -8.51
CA ILE B 335 -15.98 -5.64 -8.32
C ILE B 335 -14.73 -5.42 -7.49
N THR B 336 -14.46 -6.28 -6.55
CA THR B 336 -13.26 -6.14 -5.67
C THR B 336 -11.97 -6.34 -6.51
N LEU B 337 -11.95 -7.28 -7.44
CA LEU B 337 -10.81 -7.47 -8.35
C LEU B 337 -10.59 -6.20 -9.19
N MET B 338 -11.69 -5.66 -9.76
CA MET B 338 -11.63 -4.44 -10.58
C MET B 338 -11.06 -3.25 -9.77
N LYS B 339 -11.46 -3.16 -8.50
CA LYS B 339 -11.02 -2.09 -7.60
C LYS B 339 -9.50 -2.16 -7.40
N HIS B 340 -8.89 -3.33 -7.64
CA HIS B 340 -7.45 -3.58 -7.45
C HIS B 340 -6.79 -3.81 -8.79
N ALA B 341 -7.36 -3.27 -9.89
CA ALA B 341 -6.76 -3.50 -11.23
C ALA B 341 -5.33 -2.98 -11.32
N ASP B 342 -4.92 -2.05 -10.44
CA ASP B 342 -3.54 -1.55 -10.45
C ASP B 342 -2.54 -2.63 -10.11
N ARG B 343 -2.91 -3.60 -9.27
CA ARG B 343 -1.92 -4.61 -8.78
C ARG B 343 -2.37 -6.06 -8.98
N VAL B 344 -3.66 -6.32 -9.26
CA VAL B 344 -4.13 -7.68 -9.58
C VAL B 344 -4.25 -7.75 -11.10
N LYS B 345 -3.35 -8.52 -11.70
CA LYS B 345 -3.24 -8.56 -13.18
C LYS B 345 -3.75 -9.88 -13.74
N ILE B 346 -3.87 -10.90 -12.95
CA ILE B 346 -4.40 -12.23 -13.37
C ILE B 346 -5.36 -12.64 -12.27
N ALA B 347 -6.46 -13.29 -12.60
CA ALA B 347 -7.30 -13.96 -11.61
C ALA B 347 -7.97 -15.16 -12.28
N CYS B 348 -8.24 -16.19 -11.48
CA CYS B 348 -8.79 -17.43 -11.99
C CYS B 348 -9.98 -17.85 -11.15
N LEU B 349 -11.17 -17.76 -11.76
CA LEU B 349 -12.37 -18.36 -11.15
C LEU B 349 -12.13 -19.86 -11.09
N ALA B 350 -12.10 -20.42 -9.90
CA ALA B 350 -11.69 -21.81 -9.67
C ALA B 350 -13.00 -22.58 -9.41
N GLN B 351 -13.47 -23.45 -10.33
CA GLN B 351 -12.88 -23.80 -11.63
C GLN B 351 -13.97 -23.63 -12.72
N LEU B 352 -13.61 -23.96 -13.98
CA LEU B 352 -14.45 -23.49 -15.10
C LEU B 352 -15.60 -24.44 -15.42
N VAL B 353 -15.40 -25.76 -15.28
CA VAL B 353 -16.39 -26.77 -15.70
C VAL B 353 -16.52 -27.84 -14.61
N ASN B 354 -17.74 -28.07 -14.14
CA ASN B 354 -18.15 -29.11 -13.18
C ASN B 354 -17.63 -28.87 -11.77
N VAL B 355 -16.35 -28.63 -11.62
CA VAL B 355 -15.66 -28.47 -10.32
C VAL B 355 -15.81 -27.01 -9.90
N ILE B 356 -16.60 -26.81 -8.84
CA ILE B 356 -16.89 -25.50 -8.25
C ILE B 356 -17.01 -24.45 -9.40
N ALA B 357 -18.01 -24.67 -10.27
CA ALA B 357 -17.93 -24.12 -11.62
C ALA B 357 -19.20 -23.38 -12.03
N PRO B 358 -19.03 -22.41 -12.95
CA PRO B 358 -20.18 -21.75 -13.54
C PRO B 358 -20.87 -22.51 -14.66
N ILE B 359 -20.22 -23.56 -15.14
CA ILE B 359 -20.77 -24.46 -16.19
C ILE B 359 -20.83 -25.89 -15.63
N MET B 360 -21.99 -26.52 -15.70
CA MET B 360 -22.17 -27.90 -15.25
C MET B 360 -22.59 -28.78 -16.44
N THR B 361 -22.19 -30.04 -16.43
CA THR B 361 -22.57 -30.97 -17.50
C THR B 361 -23.16 -32.25 -16.89
N GLU B 362 -23.95 -32.90 -17.72
CA GLU B 362 -24.47 -34.27 -17.49
C GLU B 362 -23.88 -35.22 -18.55
N LYS B 363 -23.59 -36.45 -18.14
CA LYS B 363 -23.03 -37.48 -19.02
C LYS B 363 -24.03 -37.72 -20.14
N ASN B 364 -23.53 -37.64 -21.39
CA ASN B 364 -24.34 -37.86 -22.62
CA ASN B 364 -24.38 -37.83 -22.59
C ASN B 364 -25.47 -36.80 -22.73
N GLY B 365 -25.46 -35.78 -21.91
CA GLY B 365 -26.59 -34.89 -21.67
C GLY B 365 -26.17 -33.44 -21.71
N PRO B 366 -27.05 -32.55 -21.21
CA PRO B 366 -26.81 -31.12 -21.42
C PRO B 366 -25.72 -30.50 -20.55
N ALA B 367 -25.29 -29.32 -21.02
CA ALA B 367 -24.47 -28.41 -20.25
C ALA B 367 -25.29 -27.19 -19.93
N TRP B 368 -25.13 -26.62 -18.74
CA TRP B 368 -25.97 -25.50 -18.31
C TRP B 368 -25.19 -24.49 -17.46
N LYS B 369 -25.81 -23.32 -17.38
CA LYS B 369 -25.23 -22.14 -16.71
C LYS B 369 -25.73 -22.06 -15.25
N GLN B 370 -24.79 -22.06 -14.32
CA GLN B 370 -25.12 -21.83 -12.90
C GLN B 370 -25.47 -20.36 -12.66
N THR B 371 -26.03 -20.06 -11.50
CA THR B 371 -26.32 -18.66 -11.12
C THR B 371 -25.06 -17.80 -11.31
N ILE B 372 -23.89 -18.30 -10.91
CA ILE B 372 -22.66 -17.48 -10.89
C ILE B 372 -22.14 -17.20 -12.30
N TYR B 373 -22.59 -17.94 -13.30
CA TYR B 373 -22.16 -17.72 -14.70
C TYR B 373 -22.44 -16.28 -15.10
N TYR B 374 -23.59 -15.73 -14.67
CA TYR B 374 -24.07 -14.44 -15.20
C TYR B 374 -23.25 -13.26 -14.75
N PRO B 375 -22.93 -13.05 -13.44
CA PRO B 375 -22.08 -11.91 -13.10
C PRO B 375 -20.69 -12.04 -13.71
N PHE B 376 -20.17 -13.28 -13.78
CA PHE B 376 -18.83 -13.48 -14.38
C PHE B 376 -18.86 -13.06 -15.86
N MET B 377 -19.86 -13.53 -16.58
CA MET B 377 -20.02 -13.16 -17.99
CA MET B 377 -20.00 -13.16 -17.99
C MET B 377 -20.09 -11.64 -18.13
N HIS B 378 -20.91 -10.99 -17.32
CA HIS B 378 -21.09 -9.53 -17.44
C HIS B 378 -19.78 -8.81 -17.18
N ALA B 379 -19.06 -9.22 -16.18
CA ALA B 379 -17.77 -8.60 -15.80
C ALA B 379 -16.80 -8.79 -16.96
N SER B 380 -16.68 -10.00 -17.47
CA SER B 380 -15.71 -10.27 -18.55
C SER B 380 -16.08 -9.51 -19.82
N VAL B 381 -17.35 -9.51 -20.19
CA VAL B 381 -17.77 -8.95 -21.50
C VAL B 381 -17.81 -7.41 -21.42
N TYR B 382 -18.34 -6.84 -20.33
CA TYR B 382 -18.54 -5.37 -20.23
C TYR B 382 -17.48 -4.69 -19.36
N GLY B 383 -16.54 -5.43 -18.79
CA GLY B 383 -15.55 -4.86 -17.86
C GLY B 383 -14.16 -4.72 -18.42
N ARG B 384 -13.99 -4.47 -19.71
CA ARG B 384 -12.67 -4.21 -20.27
C ARG B 384 -12.55 -2.68 -20.39
N GLY B 385 -11.37 -2.14 -20.05
CA GLY B 385 -11.11 -0.70 -20.09
C GLY B 385 -10.35 -0.31 -18.84
N VAL B 386 -10.63 0.88 -18.35
CA VAL B 386 -9.95 1.47 -17.22
C VAL B 386 -10.90 1.46 -16.03
N ALA B 387 -10.42 0.92 -14.93
CA ALA B 387 -11.18 0.97 -13.67
C ALA B 387 -11.07 2.40 -13.11
N LEU B 388 -12.17 3.01 -12.79
CA LEU B 388 -12.18 4.37 -12.22
C LEU B 388 -12.26 4.27 -10.70
N HIS B 389 -11.66 5.23 -10.03
CA HIS B 389 -11.68 5.25 -8.56
CA HIS B 389 -11.66 5.31 -8.55
C HIS B 389 -13.09 5.58 -8.10
N PRO B 390 -13.75 4.67 -7.35
CA PRO B 390 -15.06 4.98 -6.83
C PRO B 390 -15.01 5.90 -5.60
N VAL B 391 -15.87 6.87 -5.69
CA VAL B 391 -16.10 7.90 -4.66
C VAL B 391 -17.59 7.77 -4.32
N ILE B 392 -17.86 7.02 -3.26
CA ILE B 392 -19.20 6.56 -2.88
C ILE B 392 -19.58 7.08 -1.51
N SER B 393 -20.82 7.56 -1.42
CA SER B 393 -21.52 7.75 -0.13
C SER B 393 -22.69 6.78 -0.09
N SER B 394 -22.59 5.77 0.77
CA SER B 394 -23.56 4.67 0.86
C SER B 394 -23.98 4.57 2.31
N PRO B 395 -25.25 4.22 2.54
CA PRO B 395 -25.66 3.76 3.85
C PRO B 395 -24.97 2.44 4.17
N LYS B 396 -24.92 2.08 5.43
CA LYS B 396 -24.05 0.99 5.91
C LYS B 396 -24.79 0.19 7.01
N TYR B 397 -24.34 -1.07 7.20
CA TYR B 397 -24.86 -1.99 8.24
C TYR B 397 -23.72 -2.71 8.96
N ASP B 398 -24.03 -3.25 10.12
CA ASP B 398 -23.12 -4.13 10.88
C ASP B 398 -23.64 -5.55 10.78
N SER B 399 -22.73 -6.51 10.72
CA SER B 399 -23.03 -7.96 10.80
C SER B 399 -22.13 -8.61 11.87
N LYS B 400 -22.28 -9.92 12.06
CA LYS B 400 -21.55 -10.73 13.06
C LYS B 400 -20.06 -10.33 12.99
N ASP B 401 -19.50 -10.28 11.77
CA ASP B 401 -18.03 -10.24 11.61
C ASP B 401 -17.52 -8.93 11.03
N PHE B 402 -18.42 -8.03 10.60
CA PHE B 402 -18.02 -6.81 9.85
C PHE B 402 -18.80 -5.61 10.39
N THR B 403 -18.14 -4.46 10.42
CA THR B 403 -18.75 -3.17 10.81
C THR B 403 -18.74 -2.21 9.62
N ASP B 404 -19.78 -1.38 9.48
CA ASP B 404 -19.84 -0.29 8.48
C ASP B 404 -19.73 -0.89 7.07
N VAL B 405 -20.47 -1.96 6.86
CA VAL B 405 -20.55 -2.61 5.53
C VAL B 405 -21.44 -1.76 4.63
N PRO B 406 -20.95 -1.22 3.48
CA PRO B 406 -21.84 -0.43 2.64
C PRO B 406 -22.89 -1.32 1.97
N TYR B 407 -24.13 -0.84 1.90
CA TYR B 407 -25.14 -1.58 1.13
C TYR B 407 -24.73 -1.60 -0.35
N LEU B 408 -24.07 -0.55 -0.82
CA LEU B 408 -23.60 -0.45 -2.23
C LEU B 408 -22.17 -0.98 -2.38
N GLU B 409 -22.01 -1.92 -3.29
CA GLU B 409 -20.70 -2.37 -3.81
C GLU B 409 -20.69 -1.98 -5.27
N SER B 410 -19.80 -1.10 -5.66
CA SER B 410 -19.86 -0.62 -7.05
C SER B 410 -18.51 -0.11 -7.55
N ILE B 411 -18.36 -0.18 -8.87
CA ILE B 411 -17.24 0.43 -9.60
C ILE B 411 -17.69 0.74 -11.02
N ALA B 412 -17.11 1.77 -11.63
CA ALA B 412 -17.30 2.04 -13.05
C ALA B 412 -16.02 1.76 -13.86
N VAL B 413 -16.22 1.23 -15.06
CA VAL B 413 -15.13 0.91 -15.99
C VAL B 413 -15.40 1.73 -17.26
N TYR B 414 -14.39 2.46 -17.69
CA TYR B 414 -14.44 3.32 -18.88
C TYR B 414 -13.63 2.68 -20.01
N ASN B 415 -14.30 2.42 -21.13
CA ASN B 415 -13.64 1.87 -22.32
C ASN B 415 -13.57 2.98 -23.37
N GLU B 416 -12.42 3.63 -23.49
CA GLU B 416 -12.26 4.78 -24.44
C GLU B 416 -12.44 4.32 -25.90
N GLU B 417 -11.98 3.13 -26.27
CA GLU B 417 -12.04 2.67 -27.68
C GLU B 417 -13.53 2.53 -28.06
N LYS B 418 -14.34 1.94 -27.17
CA LYS B 418 -15.78 1.64 -27.39
C LYS B 418 -16.62 2.89 -27.08
N GLU B 419 -16.06 3.88 -26.37
CA GLU B 419 -16.82 5.06 -25.89
C GLU B 419 -17.98 4.55 -25.01
N GLU B 420 -17.67 3.69 -24.02
CA GLU B 420 -18.65 3.09 -23.10
C GLU B 420 -18.15 3.29 -21.66
N VAL B 421 -19.10 3.48 -20.77
CA VAL B 421 -18.85 3.44 -19.31
C VAL B 421 -19.82 2.40 -18.75
N THR B 422 -19.32 1.45 -17.99
CA THR B 422 -20.16 0.41 -17.39
C THR B 422 -20.06 0.52 -15.87
N ILE B 423 -21.21 0.65 -15.24
CA ILE B 423 -21.32 0.68 -13.76
C ILE B 423 -21.79 -0.68 -13.27
N PHE B 424 -20.95 -1.36 -12.54
CA PHE B 424 -21.29 -2.64 -11.87
C PHE B 424 -21.73 -2.27 -10.47
N ALA B 425 -22.88 -2.80 -10.03
CA ALA B 425 -23.34 -2.47 -8.67
C ALA B 425 -24.11 -3.62 -8.07
N VAL B 426 -23.75 -4.00 -6.84
CA VAL B 426 -24.55 -4.85 -5.97
C VAL B 426 -25.23 -4.02 -4.89
N ASN B 427 -26.52 -4.24 -4.72
CA ASN B 427 -27.26 -3.80 -3.50
C ASN B 427 -27.34 -4.98 -2.54
N ARG B 428 -26.63 -4.91 -1.42
CA ARG B 428 -26.62 -5.97 -0.38
C ARG B 428 -27.88 -5.93 0.50
N ASP B 429 -28.68 -4.88 0.42
CA ASP B 429 -29.80 -4.71 1.36
C ASP B 429 -30.81 -5.85 1.15
N MET B 430 -31.20 -6.52 2.24
CA MET B 430 -32.16 -7.64 2.22
C MET B 430 -33.62 -7.15 2.18
N GLU B 431 -33.88 -5.86 2.39
CA GLU B 431 -35.27 -5.32 2.55
C GLU B 431 -35.57 -4.19 1.55
N ASP B 432 -34.63 -3.29 1.30
CA ASP B 432 -34.88 -2.00 0.66
C ASP B 432 -34.14 -1.89 -0.67
N ALA B 433 -34.82 -1.28 -1.65
CA ALA B 433 -34.21 -0.76 -2.87
C ALA B 433 -33.21 0.36 -2.50
N LEU B 434 -32.15 0.47 -3.28
CA LEU B 434 -31.19 1.58 -3.14
C LEU B 434 -31.36 2.53 -4.35
N LEU B 435 -31.62 3.80 -4.10
CA LEU B 435 -31.78 4.80 -5.16
C LEU B 435 -30.39 5.39 -5.37
N LEU B 436 -29.69 4.96 -6.40
CA LEU B 436 -28.31 5.38 -6.70
C LEU B 436 -28.34 6.62 -7.59
N GLU B 437 -27.52 7.62 -7.27
CA GLU B 437 -27.35 8.83 -8.11
C GLU B 437 -25.84 8.88 -8.43
N CYS B 438 -25.47 8.87 -9.70
CA CYS B 438 -24.05 8.94 -10.15
C CYS B 438 -23.80 10.26 -10.87
N ASP B 439 -22.79 10.99 -10.41
CA ASP B 439 -22.34 12.23 -11.05
C ASP B 439 -21.40 11.84 -12.22
N VAL B 440 -21.85 12.07 -13.46
CA VAL B 440 -21.12 11.74 -14.71
C VAL B 440 -20.84 13.01 -15.52
N ARG B 441 -20.72 14.17 -14.88
CA ARG B 441 -20.35 15.48 -15.52
C ARG B 441 -19.14 15.28 -16.44
N SER B 442 -18.14 14.45 -16.05
CA SER B 442 -16.83 14.34 -16.75
C SER B 442 -16.98 13.59 -18.08
N PHE B 443 -18.12 12.94 -18.31
CA PHE B 443 -18.48 12.21 -19.57
C PHE B 443 -19.55 13.00 -20.34
N GLU B 444 -19.17 13.66 -21.42
CA GLU B 444 -20.09 14.52 -22.21
C GLU B 444 -20.86 13.67 -23.24
N ASP B 445 -22.19 13.81 -23.37
CA ASP B 445 -23.01 13.29 -24.51
C ASP B 445 -23.22 11.78 -24.37
N TYR B 446 -23.22 11.28 -23.13
CA TYR B 446 -23.50 9.86 -22.83
C TYR B 446 -25.00 9.66 -22.58
N ARG B 447 -25.44 8.41 -22.80
CA ARG B 447 -26.84 7.98 -22.62
C ARG B 447 -26.79 6.56 -22.05
N VAL B 448 -27.92 6.15 -21.49
CA VAL B 448 -28.10 4.78 -20.97
C VAL B 448 -28.41 3.88 -22.16
N ILE B 449 -27.59 2.84 -22.33
CA ILE B 449 -27.84 1.80 -23.34
C ILE B 449 -28.85 0.85 -22.71
N GLU B 450 -28.53 0.31 -21.54
CA GLU B 450 -29.40 -0.65 -20.85
C GLU B 450 -28.99 -0.75 -19.40
N HIS B 451 -29.89 -1.32 -18.63
CA HIS B 451 -29.63 -1.64 -17.21
C HIS B 451 -30.02 -3.09 -16.99
N ILE B 452 -29.04 -3.94 -16.87
CA ILE B 452 -29.21 -5.40 -16.66
C ILE B 452 -29.35 -5.60 -15.15
N VAL B 453 -30.26 -6.47 -14.76
CA VAL B 453 -30.47 -6.81 -13.34
C VAL B 453 -30.52 -8.34 -13.22
N LEU B 454 -29.82 -8.85 -12.22
CA LEU B 454 -29.96 -10.23 -11.76
C LEU B 454 -30.55 -10.14 -10.36
N GLU B 455 -31.77 -10.64 -10.18
CA GLU B 455 -32.51 -10.64 -8.90
C GLU B 455 -33.35 -11.92 -8.85
N HIS B 456 -33.67 -12.37 -7.65
CA HIS B 456 -34.62 -13.48 -7.37
C HIS B 456 -35.10 -13.34 -5.93
N ASP B 457 -36.37 -13.60 -5.68
CA ASP B 457 -37.00 -13.43 -4.35
C ASP B 457 -36.39 -14.41 -3.34
N ASN B 458 -35.87 -15.53 -3.82
CA ASN B 458 -35.34 -16.59 -2.95
C ASN B 458 -33.81 -16.67 -3.11
N VAL B 459 -33.07 -16.29 -2.07
CA VAL B 459 -31.58 -16.31 -2.18
C VAL B 459 -31.07 -17.73 -2.33
N LYS B 460 -31.86 -18.74 -1.92
CA LYS B 460 -31.46 -20.15 -2.01
C LYS B 460 -31.79 -20.81 -3.34
N GLN B 461 -32.43 -20.09 -4.24
CA GLN B 461 -32.87 -20.69 -5.51
C GLN B 461 -31.62 -21.01 -6.35
N THR B 462 -31.61 -22.17 -6.99
CA THR B 462 -30.52 -22.64 -7.88
C THR B 462 -31.04 -22.72 -9.32
N ASN B 463 -30.11 -22.82 -10.26
CA ASN B 463 -30.44 -23.27 -11.62
C ASN B 463 -30.23 -24.77 -11.70
N SER B 464 -30.62 -25.36 -12.82
CA SER B 464 -30.49 -26.79 -13.11
C SER B 464 -30.49 -27.02 -14.60
N ALA B 465 -30.24 -28.26 -15.02
CA ALA B 465 -30.33 -28.60 -16.45
C ALA B 465 -31.74 -28.29 -17.00
N GLN B 466 -32.78 -28.54 -16.22
CA GLN B 466 -34.19 -28.54 -16.68
C GLN B 466 -34.78 -27.14 -16.60
N SER B 467 -34.26 -26.26 -15.76
CA SER B 467 -34.95 -24.98 -15.41
C SER B 467 -33.96 -23.98 -14.83
N SER B 468 -33.97 -22.74 -15.36
CA SER B 468 -33.09 -21.62 -14.89
C SER B 468 -33.96 -20.44 -14.48
N PRO B 469 -34.47 -20.50 -13.24
CA PRO B 469 -35.23 -19.38 -12.71
C PRO B 469 -34.41 -18.15 -12.38
N VAL B 470 -33.10 -18.32 -12.23
CA VAL B 470 -32.18 -17.22 -11.86
C VAL B 470 -31.44 -16.78 -13.15
N VAL B 471 -31.98 -15.76 -13.81
CA VAL B 471 -31.43 -15.32 -15.12
C VAL B 471 -31.58 -13.83 -15.17
N PRO B 472 -30.71 -13.12 -15.91
CA PRO B 472 -30.82 -11.67 -15.98
C PRO B 472 -32.04 -11.20 -16.76
N HIS B 473 -32.43 -9.99 -16.48
CA HIS B 473 -33.38 -9.23 -17.28
C HIS B 473 -32.79 -7.84 -17.56
N ARG B 474 -33.42 -7.14 -18.52
CA ARG B 474 -32.96 -5.83 -19.05
C ARG B 474 -33.95 -4.73 -18.68
N ASN B 475 -34.69 -4.89 -17.58
CA ASN B 475 -35.77 -3.94 -17.23
C ASN B 475 -35.31 -2.96 -16.14
N GLY B 476 -34.03 -2.83 -15.89
CA GLY B 476 -33.54 -1.82 -14.93
C GLY B 476 -33.95 -0.41 -15.36
N ASP B 477 -34.20 0.48 -14.41
CA ASP B 477 -34.74 1.83 -14.70
C ASP B 477 -33.66 2.93 -14.82
N ALA B 478 -32.37 2.62 -14.97
CA ALA B 478 -31.34 3.67 -15.07
C ALA B 478 -31.72 4.73 -16.12
N GLN B 479 -31.61 6.01 -15.74
CA GLN B 479 -31.95 7.19 -16.52
C GLN B 479 -30.76 8.15 -16.37
N LEU B 480 -30.35 8.84 -17.45
CA LEU B 480 -29.28 9.84 -17.42
C LEU B 480 -29.90 11.19 -17.81
N SER B 481 -29.88 12.12 -16.90
CA SER B 481 -30.46 13.48 -17.07
C SER B 481 -29.51 14.48 -16.42
N ASP B 482 -29.21 15.60 -17.11
CA ASP B 482 -28.39 16.69 -16.51
C ASP B 482 -27.12 16.09 -15.89
N ARG B 483 -26.45 15.22 -16.61
CA ARG B 483 -25.09 14.82 -16.21
C ARG B 483 -25.15 13.92 -14.96
N LYS B 484 -26.32 13.31 -14.70
CA LYS B 484 -26.55 12.43 -13.51
C LYS B 484 -27.26 11.12 -13.90
N VAL B 485 -26.68 9.98 -13.53
CA VAL B 485 -27.38 8.68 -13.70
C VAL B 485 -28.17 8.45 -12.42
N SER B 486 -29.48 8.27 -12.54
CA SER B 486 -30.37 7.85 -11.43
CA SER B 486 -30.29 7.82 -11.38
C SER B 486 -30.81 6.41 -11.70
N ALA B 487 -30.61 5.48 -10.78
CA ALA B 487 -31.02 4.09 -11.01
C ALA B 487 -31.53 3.51 -9.69
N THR B 488 -32.62 2.74 -9.79
CA THR B 488 -33.15 1.96 -8.66
C THR B 488 -32.43 0.60 -8.70
N LEU B 489 -31.68 0.30 -7.65
CA LEU B 489 -31.07 -1.03 -7.45
C LEU B 489 -31.98 -1.84 -6.55
N PRO B 490 -32.69 -2.86 -7.06
CA PRO B 490 -33.60 -3.59 -6.17
C PRO B 490 -32.87 -4.27 -5.02
N LYS B 491 -33.61 -4.53 -3.93
CA LYS B 491 -33.05 -5.31 -2.82
C LYS B 491 -32.32 -6.52 -3.42
N LEU B 492 -31.17 -6.86 -2.81
CA LEU B 492 -30.45 -8.09 -3.18
C LEU B 492 -30.34 -8.25 -4.70
N SER B 493 -29.61 -7.36 -5.34
CA SER B 493 -29.48 -7.38 -6.80
C SER B 493 -28.06 -7.09 -7.29
N TRP B 494 -27.74 -7.71 -8.41
CA TRP B 494 -26.59 -7.42 -9.25
C TRP B 494 -27.07 -6.57 -10.44
N ASN B 495 -26.32 -5.51 -10.76
CA ASN B 495 -26.78 -4.52 -11.74
C ASN B 495 -25.59 -4.16 -12.61
N VAL B 496 -25.86 -4.05 -13.92
CA VAL B 496 -24.88 -3.62 -14.91
C VAL B 496 -25.56 -2.50 -15.68
N ILE B 497 -25.14 -1.29 -15.39
CA ILE B 497 -25.63 -0.09 -16.06
C ILE B 497 -24.67 0.33 -17.17
N ARG B 498 -25.10 0.19 -18.41
CA ARG B 498 -24.21 0.43 -19.56
C ARG B 498 -24.52 1.81 -20.16
N LEU B 499 -23.55 2.67 -20.26
CA LEU B 499 -23.66 4.02 -20.86
C LEU B 499 -22.81 4.03 -22.14
N GLY B 500 -23.28 4.74 -23.14
CA GLY B 500 -22.53 4.98 -24.40
C GLY B 500 -22.80 6.35 -24.97
N LYS B 501 -22.18 6.66 -26.10
CA LYS B 501 -22.34 7.97 -26.78
C LYS B 501 -23.73 8.10 -27.42
N ARG B 502 -24.34 9.30 -27.33
CA ARG B 502 -25.61 9.70 -28.03
C ARG B 502 -25.30 10.05 -29.50
C1 LX5 C . 20.85 11.95 13.16
C2 LX5 C . 19.58 11.28 13.52
C6 LX5 C . 21.03 14.42 13.99
C5 LX5 C . 21.09 12.94 14.27
C3 LX5 C . 19.75 11.10 15.01
C4 LX5 C . 20.37 12.39 15.49
O7 LX5 C . 19.65 14.88 13.83
O8 LX5 C . 21.06 12.37 16.71
O9 LX5 C . 18.62 10.66 15.76
O10 LX5 C . 21.74 10.89 13.06
S11 LX5 C . 22.98 10.88 12.15
O12 LX5 C . 23.59 12.17 12.39
O13 LX5 C . 22.46 10.89 10.78
O14 LX5 C . 23.72 9.61 12.68
H1 LX5 C . 20.77 12.47 12.18
H21 LX5 C . 19.44 10.30 13.05
H6 LX5 C . 21.58 14.63 13.07
H61 LX5 C . 21.48 14.96 14.82
H5 LX5 C . 22.10 12.78 14.68
H3 LX5 C . 20.53 10.36 15.19
H4 LX5 C . 19.58 13.15 15.61
HO7 LX5 C . 19.64 15.82 13.65
HO8 LX5 C . 20.50 12.00 17.39
HO9 LX5 C . 18.28 9.83 15.38
C1 PEG D . 15.22 -13.46 21.42
O1 PEG D . 16.51 -12.96 21.65
C2 PEG D . 14.95 -14.04 20.07
O2 PEG D . 13.66 -13.67 19.59
C3 PEG D . 12.73 -14.75 19.56
C4 PEG D . 11.34 -14.38 19.21
O4 PEG D . 10.61 -13.80 20.30
H11 PEG D . 14.57 -12.72 21.52
H12 PEG D . 15.02 -14.17 22.06
HO1 PEG D . 16.55 -12.65 22.44
H21 PEG D . 15.00 -15.01 20.12
H22 PEG D . 15.62 -13.71 19.43
H31 PEG D . 12.70 -15.18 20.43
H32 PEG D . 13.02 -15.40 18.89
H41 PEG D . 10.85 -15.19 18.93
H42 PEG D . 11.35 -13.72 18.49
HO4 PEG D . 11.11 -13.76 20.98
C1 GOL E . 14.93 -7.95 26.51
O1 GOL E . 14.50 -7.64 27.89
C2 GOL E . 15.44 -9.39 26.42
O2 GOL E . 15.95 -9.64 25.12
C3 GOL E . 16.49 -9.76 27.42
O3 GOL E . 17.04 -11.07 27.24
H11 GOL E . 15.66 -7.34 26.25
H12 GOL E . 14.16 -7.85 25.90
HO1 GOL E . 14.23 -6.84 27.91
H2 GOL E . 14.67 -10.00 26.58
HO2 GOL E . 16.75 -9.95 25.20
H31 GOL E . 16.11 -9.72 28.33
H32 GOL E . 17.25 -9.11 27.35
HO3 GOL E . 16.66 -11.43 26.58
C1 GOL F . 21.41 13.81 -5.27
O1 GOL F . 21.32 13.14 -3.99
C2 GOL F . 22.02 15.22 -5.18
O2 GOL F . 23.44 15.17 -4.96
C3 GOL F . 21.80 16.03 -6.45
O3 GOL F . 22.36 15.42 -7.61
H11 GOL F . 20.50 13.89 -5.66
H12 GOL F . 21.98 13.27 -5.88
HO1 GOL F . 20.99 12.37 -4.11
H2 GOL F . 21.59 15.70 -4.43
HO2 GOL F . 23.81 15.60 -5.58
H31 GOL F . 22.21 16.92 -6.34
H32 GOL F . 20.82 16.13 -6.59
HO3 GOL F . 22.73 14.69 -7.38
C1 PEG G . 14.18 25.04 42.08
O1 PEG G . 15.53 25.15 41.64
C2 PEG G . 13.75 23.63 42.20
O2 PEG G . 12.47 23.57 42.84
C3 PEG G . 12.51 23.53 44.27
C4 PEG G . 11.41 24.41 44.85
O4 PEG G . 10.39 23.68 45.46
H11 PEG G . 13.60 25.48 41.43
H12 PEG G . 14.09 25.47 42.96
HO1 PEG G . 15.74 25.96 41.58
H21 PEG G . 14.39 23.13 42.74
H22 PEG G . 13.68 23.22 41.31
H31 PEG G . 13.37 23.85 44.59
H32 PEG G . 12.37 22.61 44.58
H41 PEG G . 11.01 24.94 44.13
H42 PEG G . 11.80 25.01 45.52
HO4 PEG G . 10.57 22.85 45.41
C1 LX5 H . -7.71 -25.76 -4.15
C2 LX5 H . -6.71 -24.87 -4.71
C6 LX5 H . -9.36 -26.71 -6.01
C5 LX5 H . -8.01 -26.73 -5.28
C3 LX5 H . -5.81 -25.82 -5.51
C4 LX5 H . -6.79 -26.73 -6.16
O7 LX5 H . -9.49 -25.54 -6.85
O8 LX5 H . -6.28 -27.98 -6.56
O9 LX5 H . -4.80 -25.22 -6.30
O10 LX5 H . -7.08 -26.29 -3.02
S11 LX5 H . -7.84 -26.83 -1.79
O12 LX5 H . -8.39 -25.65 -1.20
O13 LX5 H . -9.01 -27.46 -2.37
O14 LX5 H . -6.70 -27.59 -1.04
H1 LX5 H . -8.61 -25.21 -3.86
H21 LX5 H . -6.14 -24.45 -3.87
H6 LX5 H . -10.17 -26.70 -5.27
H61 LX5 H . -9.45 -27.60 -6.63
H5 LX5 H . -7.94 -27.75 -4.88
H3 LX5 H . -5.29 -26.49 -4.82
H4 LX5 H . -7.17 -26.23 -7.06
HO7 LX5 H . -10.35 -25.57 -7.29
HO8 LX5 H . -5.50 -27.84 -7.11
HO9 LX5 H . -4.24 -24.66 -5.75
C1 PEG I . 19.36 -18.04 1.43
O1 PEG I . 19.45 -18.25 -0.01
C2 PEG I . 19.46 -19.25 2.28
O2 PEG I . 18.41 -20.22 2.13
C3 PEG I . 18.67 -21.51 2.71
C4 PEG I . 18.74 -22.59 1.61
O4 PEG I . 18.15 -23.83 1.85
H11 PEG I . 18.48 -17.63 1.64
H12 PEG I . 20.07 -17.44 1.72
HO1 PEG I . 19.38 -17.50 -0.40
H21 PEG I . 19.45 -19.00 3.23
H22 PEG I . 20.29 -19.73 2.09
H31 PEG I . 17.96 -21.74 3.34
H32 PEG I . 19.53 -21.49 3.18
H41 PEG I . 19.69 -22.79 1.42
H42 PEG I . 18.30 -22.25 0.80
HO4 PEG I . 17.81 -23.83 2.63
C1 GOL J . 18.59 -27.46 -3.67
O1 GOL J . 19.41 -27.66 -2.51
C2 GOL J . 17.98 -26.07 -3.73
O2 GOL J . 17.36 -25.71 -2.48
C3 GOL J . 16.93 -25.89 -4.81
O3 GOL J . 17.42 -26.34 -6.12
H11 GOL J . 17.85 -28.11 -3.66
H12 GOL J . 19.15 -27.58 -4.48
HO1 GOL J . 19.72 -28.44 -2.53
H2 GOL J . 18.70 -25.42 -3.90
HO2 GOL J . 16.55 -25.48 -2.65
H31 GOL J . 16.70 -24.93 -4.88
H32 GOL J . 16.13 -26.42 -4.59
HO3 GOL J . 18.21 -26.63 -6.03
C1 GOL K . -18.95 -16.15 6.99
O1 GOL K . -17.80 -16.85 6.43
C2 GOL K . -20.23 -16.76 6.42
O2 GOL K . -20.44 -18.08 6.94
C3 GOL K . -21.49 -15.98 6.72
O3 GOL K . -21.72 -15.78 8.11
H11 GOL K . -18.91 -15.19 6.75
H12 GOL K . -18.95 -16.25 7.98
HO1 GOL K . -17.11 -16.50 6.76
H2 GOL K . -20.14 -16.80 5.44
HO2 GOL K . -21.21 -18.11 7.29
H31 GOL K . -22.27 -16.47 6.35
H32 GOL K . -21.43 -15.08 6.30
HO3 GOL K . -21.08 -16.15 8.52
C1 IPA L . -13.04 -18.23 -29.56
C2 IPA L . -12.33 -18.13 -30.54
C3 IPA L . -11.44 -16.96 -30.31
O2 IPA L . -11.69 -19.31 -30.95
H11 IPA L . -13.02 -19.16 -29.24
H12 IPA L . -13.96 -18.00 -29.79
H13 IPA L . -12.71 -17.65 -28.86
H2 IPA L . -12.92 -17.84 -31.28
H31 IPA L . -10.51 -17.21 -30.49
H32 IPA L . -11.52 -16.67 -29.39
H33 IPA L . -11.70 -16.23 -30.91
HO2 IPA L . -11.91 -19.93 -30.42
#